data_2BBZ
#
_entry.id   2BBZ
#
_cell.length_a   83.857
_cell.length_b   108.065
_cell.length_c   142.643
_cell.angle_alpha   90.00
_cell.angle_beta   90.00
_cell.angle_gamma   90.00
#
_symmetry.space_group_name_H-M   'P 2 2 21'
#
loop_
_entity.id
_entity.type
_entity.pdbx_description
1 polymer 'Viral CASP8 and FADD-like apoptosis regulator'
2 water water
#
_entity_poly.entity_id   1
_entity_poly.type   'polypeptide(L)'
_entity_poly.pdbx_seq_one_letter_code
;MSDSKEVPSLPFLRHLLEELDSHEDSLLLFLCHDAAPGCTTVTQALCSLSQQRKLTLAALVEMLYVLQRMDLLKSRFGLS
KEGAEQLLGTSFLTRYRKLMVCVGEELDSSELRALRLFACNLNPSLSTALSESSRFVELVLALENVGLVSPSSVSVLADM
LRTLRRLDLCQQLVEYEQQEQARYRYCYAASPSLPVRTLRRGHGASEHEQLCMPVQESSDSPELLRTPVQESSSDSPEQT
TLEHHHHHH
;
_entity_poly.pdbx_strand_id   A,B,C,D
#
# COMPACT_ATOMS: atom_id res chain seq x y z
N SER A 2 -8.92 41.28 19.72
CA SER A 2 -7.66 42.07 19.77
C SER A 2 -7.73 43.28 18.84
N ASP A 3 -7.43 43.05 17.56
CA ASP A 3 -7.43 44.12 16.55
C ASP A 3 -8.41 43.83 15.40
N SER A 4 -8.34 44.64 14.33
CA SER A 4 -9.21 44.47 13.17
C SER A 4 -8.62 43.51 12.14
N LYS A 5 -7.74 42.62 12.62
CA LYS A 5 -7.09 41.63 11.76
C LYS A 5 -7.19 40.23 12.36
N GLU A 6 -8.07 40.08 13.36
CA GLU A 6 -8.27 38.80 14.02
C GLU A 6 -9.71 38.60 14.51
N VAL A 7 -10.58 39.58 14.27
CA VAL A 7 -11.99 39.50 14.68
C VAL A 7 -12.90 40.13 13.63
N PRO A 8 -13.63 39.30 12.87
CA PRO A 8 -14.56 39.73 11.81
C PRO A 8 -15.85 40.34 12.35
N SER A 9 -16.63 40.95 11.45
CA SER A 9 -17.91 41.57 11.81
C SER A 9 -18.99 40.50 11.74
N LEU A 10 -20.25 40.90 11.97
CA LEU A 10 -21.37 39.96 11.92
C LEU A 10 -22.33 40.21 10.74
N PRO A 11 -22.64 41.50 10.46
CA PRO A 11 -23.54 41.86 9.36
C PRO A 11 -23.00 41.50 7.97
N PHE A 12 -21.69 41.65 7.78
CA PHE A 12 -21.04 41.35 6.50
C PHE A 12 -20.84 39.83 6.31
N LEU A 13 -20.68 39.11 7.41
CA LEU A 13 -20.52 37.66 7.38
C LEU A 13 -21.76 37.12 6.69
N ARG A 14 -22.92 37.51 7.21
CA ARG A 14 -24.19 37.09 6.64
C ARG A 14 -24.20 37.43 5.15
N HIS A 15 -23.55 38.53 4.79
CA HIS A 15 -23.49 38.94 3.39
C HIS A 15 -22.40 38.19 2.63
N LEU A 16 -21.47 37.58 3.35
CA LEU A 16 -20.41 36.81 2.70
C LEU A 16 -20.93 35.40 2.50
N LEU A 17 -21.48 34.84 3.57
CA LEU A 17 -22.05 33.50 3.56
C LEU A 17 -23.13 33.36 2.48
N GLU A 18 -23.40 34.46 1.77
CA GLU A 18 -24.40 34.48 0.70
C GLU A 18 -23.83 34.11 -0.67
N GLU A 19 -22.73 34.74 -1.06
CA GLU A 19 -22.14 34.45 -2.35
C GLU A 19 -21.51 33.07 -2.40
N LEU A 20 -21.53 32.37 -1.27
CA LEU A 20 -20.97 31.03 -1.22
C LEU A 20 -22.09 30.01 -1.46
N ASP A 21 -22.02 29.33 -2.59
CA ASP A 21 -22.99 28.32 -3.03
C ASP A 21 -23.34 27.22 -2.01
N SER A 22 -24.09 26.22 -2.44
CA SER A 22 -24.50 25.12 -1.56
C SER A 22 -23.37 24.13 -1.35
N HIS A 23 -22.50 24.01 -2.34
CA HIS A 23 -21.34 23.12 -2.31
C HIS A 23 -20.31 23.67 -1.31
N GLU A 24 -19.90 24.91 -1.51
CA GLU A 24 -18.93 25.56 -0.65
C GLU A 24 -19.38 25.68 0.79
N ASP A 25 -20.64 25.32 1.04
CA ASP A 25 -21.17 25.38 2.41
C ASP A 25 -20.83 24.07 3.12
N SER A 26 -21.43 22.97 2.69
CA SER A 26 -21.15 21.70 3.35
C SER A 26 -19.67 21.49 3.27
N LEU A 27 -19.05 22.07 2.27
CA LEU A 27 -17.62 21.92 2.14
C LEU A 27 -16.94 22.76 3.20
N LEU A 28 -17.44 23.97 3.41
CA LEU A 28 -16.88 24.85 4.42
C LEU A 28 -17.14 24.32 5.84
N LEU A 29 -18.32 23.75 6.05
CA LEU A 29 -18.70 23.21 7.36
C LEU A 29 -17.68 22.15 7.82
N PHE A 30 -17.27 21.30 6.90
CA PHE A 30 -16.30 20.25 7.16
C PHE A 30 -15.02 20.88 7.73
N LEU A 31 -14.41 21.74 6.92
CA LEU A 31 -13.19 22.43 7.28
C LEU A 31 -13.18 22.80 8.76
N CYS A 32 -14.35 22.79 9.38
CA CYS A 32 -14.49 23.12 10.79
C CYS A 32 -15.56 22.24 11.40
N HIS A 33 -15.17 21.02 11.72
CA HIS A 33 -16.07 20.02 12.30
C HIS A 33 -15.39 19.56 13.59
N ASP A 34 -14.19 20.06 13.80
CA ASP A 34 -13.43 19.70 14.98
C ASP A 34 -13.53 20.80 16.02
N ALA A 35 -13.98 21.97 15.58
CA ALA A 35 -14.10 23.11 16.50
C ALA A 35 -15.54 23.40 16.88
N ALA A 36 -16.44 23.22 15.93
CA ALA A 36 -17.85 23.47 16.16
C ALA A 36 -18.61 22.14 16.05
N PRO A 37 -18.21 21.14 16.86
CA PRO A 37 -18.82 19.81 16.87
C PRO A 37 -20.33 19.75 16.95
N GLY A 38 -20.95 19.31 15.85
CA GLY A 38 -22.39 19.20 15.81
C GLY A 38 -23.09 20.13 14.84
N CYS A 39 -22.74 21.41 14.90
CA CYS A 39 -23.34 22.43 14.04
C CYS A 39 -23.68 21.95 12.64
N THR A 40 -24.69 22.55 12.02
CA THR A 40 -25.06 22.17 10.66
C THR A 40 -24.79 23.37 9.74
N THR A 41 -25.84 24.13 9.43
CA THR A 41 -25.73 25.30 8.56
C THR A 41 -24.36 25.93 8.74
N VAL A 42 -23.81 26.50 7.68
CA VAL A 42 -22.50 27.12 7.81
C VAL A 42 -22.59 28.10 8.98
N THR A 43 -23.74 28.77 9.06
CA THR A 43 -24.01 29.71 10.14
C THR A 43 -23.89 28.95 11.45
N GLN A 44 -24.62 27.85 11.55
CA GLN A 44 -24.59 27.00 12.75
C GLN A 44 -23.15 26.89 13.25
N ALA A 45 -22.25 26.50 12.35
CA ALA A 45 -20.85 26.35 12.69
C ALA A 45 -20.27 27.66 13.14
N LEU A 46 -20.45 28.70 12.32
CA LEU A 46 -19.92 30.02 12.63
C LEU A 46 -20.44 30.56 13.96
N CYS A 47 -21.75 30.44 14.18
CA CYS A 47 -22.37 30.93 15.40
C CYS A 47 -21.59 30.44 16.64
N SER A 48 -21.15 29.19 16.60
CA SER A 48 -20.40 28.59 17.70
C SER A 48 -18.92 29.01 17.71
N LEU A 49 -18.37 29.31 16.53
CA LEU A 49 -16.98 29.72 16.41
C LEU A 49 -16.84 31.16 16.86
N SER A 50 -17.83 31.97 16.50
CA SER A 50 -17.85 33.38 16.86
C SER A 50 -17.63 33.49 18.37
N GLN A 51 -18.50 32.82 19.12
CA GLN A 51 -18.44 32.84 20.58
C GLN A 51 -17.16 32.23 21.14
N GLN A 52 -16.92 30.97 20.80
CA GLN A 52 -15.73 30.26 21.27
C GLN A 52 -14.45 31.11 21.15
N ARG A 53 -14.54 32.18 20.38
CA ARG A 53 -13.43 33.12 20.16
C ARG A 53 -12.43 32.54 19.17
N LYS A 54 -12.80 31.45 18.50
CA LYS A 54 -11.91 30.82 17.54
C LYS A 54 -12.08 31.43 16.16
N LEU A 55 -13.31 31.80 15.82
CA LEU A 55 -13.64 32.38 14.53
C LEU A 55 -12.90 33.67 14.26
N THR A 56 -11.58 33.59 14.21
CA THR A 56 -10.75 34.75 13.94
C THR A 56 -10.89 35.17 12.48
N LEU A 57 -10.28 36.29 12.12
CA LEU A 57 -10.35 36.80 10.76
C LEU A 57 -9.43 35.98 9.87
N ALA A 58 -8.20 35.77 10.33
CA ALA A 58 -7.23 34.99 9.56
C ALA A 58 -7.82 33.62 9.29
N ALA A 59 -8.16 32.91 10.37
CA ALA A 59 -8.73 31.57 10.27
C ALA A 59 -9.80 31.58 9.18
N LEU A 60 -10.52 32.69 9.14
CA LEU A 60 -11.56 32.86 8.15
C LEU A 60 -10.89 32.97 6.80
N VAL A 61 -9.92 33.88 6.67
CA VAL A 61 -9.21 34.08 5.41
C VAL A 61 -8.79 32.79 4.77
N GLU A 62 -8.54 31.78 5.60
CA GLU A 62 -8.12 30.48 5.08
C GLU A 62 -9.32 29.76 4.50
N MET A 63 -10.35 29.58 5.32
CA MET A 63 -11.56 28.90 4.90
C MET A 63 -11.91 29.36 3.51
N LEU A 64 -11.69 30.65 3.26
CA LEU A 64 -11.99 31.24 1.98
C LEU A 64 -10.87 30.84 1.02
N TYR A 65 -9.64 30.98 1.49
CA TYR A 65 -8.49 30.65 0.68
C TYR A 65 -8.57 29.22 0.15
N VAL A 66 -9.23 28.35 0.90
CA VAL A 66 -9.37 26.96 0.49
C VAL A 66 -10.49 26.75 -0.53
N LEU A 67 -11.64 27.36 -0.31
CA LEU A 67 -12.76 27.22 -1.24
C LEU A 67 -12.34 27.87 -2.55
N GLN A 68 -11.08 28.31 -2.61
CA GLN A 68 -10.48 28.95 -3.78
C GLN A 68 -11.28 30.07 -4.41
N ARG A 69 -11.46 31.16 -3.66
CA ARG A 69 -12.18 32.30 -4.17
C ARG A 69 -11.40 33.60 -4.05
N MET A 70 -10.41 33.79 -4.91
CA MET A 70 -9.60 35.00 -4.89
C MET A 70 -10.54 36.18 -5.07
N ASP A 71 -11.59 35.97 -5.86
CA ASP A 71 -12.58 37.01 -6.13
C ASP A 71 -13.13 37.56 -4.82
N LEU A 72 -13.64 36.68 -3.98
CA LEU A 72 -14.17 37.10 -2.70
C LEU A 72 -13.04 37.57 -1.79
N LEU A 73 -11.82 37.14 -2.08
CA LEU A 73 -10.68 37.52 -1.25
C LEU A 73 -10.23 38.95 -1.51
N LYS A 74 -10.61 39.50 -2.66
CA LYS A 74 -10.26 40.87 -3.02
C LYS A 74 -11.46 41.82 -2.84
N SER A 75 -12.61 41.40 -3.37
CA SER A 75 -13.83 42.20 -3.30
C SER A 75 -14.37 42.39 -1.88
N ARG A 76 -13.72 41.78 -0.90
CA ARG A 76 -14.18 41.91 0.48
C ARG A 76 -13.00 42.12 1.42
N PHE A 77 -11.87 41.50 1.09
CA PHE A 77 -10.67 41.57 1.90
C PHE A 77 -9.51 42.31 1.22
N GLY A 78 -9.74 42.68 -0.03
CA GLY A 78 -8.72 43.41 -0.78
C GLY A 78 -7.42 42.67 -1.05
N LEU A 79 -7.15 41.63 -0.26
CA LEU A 79 -5.94 40.84 -0.43
C LEU A 79 -6.03 39.90 -1.62
N SER A 80 -4.99 39.89 -2.44
CA SER A 80 -4.94 39.00 -3.60
C SER A 80 -4.26 37.68 -3.18
N LYS A 81 -4.19 36.72 -4.10
CA LYS A 81 -3.56 35.44 -3.78
C LYS A 81 -2.20 35.73 -3.15
N GLU A 82 -1.58 36.83 -3.58
CA GLU A 82 -0.26 37.24 -3.09
C GLU A 82 -0.22 37.79 -1.66
N GLY A 83 -1.39 37.95 -1.05
CA GLY A 83 -1.41 38.50 0.30
C GLY A 83 -2.27 37.71 1.26
N ALA A 84 -2.76 36.57 0.82
CA ALA A 84 -3.61 35.72 1.66
C ALA A 84 -2.79 34.59 2.26
N GLU A 85 -1.75 34.17 1.55
CA GLU A 85 -0.90 33.08 2.01
C GLU A 85 -0.09 33.58 3.19
N GLN A 86 -0.24 34.86 3.49
CA GLN A 86 0.49 35.49 4.58
C GLN A 86 -0.18 35.39 5.97
N LEU A 87 -0.88 34.30 6.22
CA LEU A 87 -1.50 34.09 7.52
C LEU A 87 -2.12 32.71 7.69
N LEU A 88 -1.65 31.74 6.91
CA LEU A 88 -2.16 30.38 7.01
C LEU A 88 -1.54 29.67 8.22
N GLY A 89 -2.27 28.71 8.79
CA GLY A 89 -1.80 27.96 9.95
C GLY A 89 -2.19 28.59 11.29
N THR A 90 -2.33 29.90 11.27
CA THR A 90 -2.70 30.68 12.45
C THR A 90 -4.14 30.41 12.78
N SER A 91 -4.68 29.31 12.25
CA SER A 91 -6.08 28.96 12.47
C SER A 91 -6.29 27.64 13.19
N PHE A 92 -7.55 27.23 13.21
CA PHE A 92 -7.95 25.99 13.83
C PHE A 92 -8.18 24.97 12.71
N LEU A 93 -7.72 25.32 11.51
CA LEU A 93 -7.85 24.47 10.34
C LEU A 93 -6.64 23.54 10.20
N THR A 94 -6.85 22.24 10.43
CA THR A 94 -5.78 21.26 10.35
C THR A 94 -5.22 21.15 8.98
N ARG A 95 -3.97 20.76 8.92
CA ARG A 95 -3.29 20.59 7.65
C ARG A 95 -4.15 19.55 6.91
N TYR A 96 -4.67 18.61 7.66
CA TYR A 96 -5.51 17.53 7.15
C TYR A 96 -6.81 17.98 6.50
N ARG A 97 -7.70 18.60 7.27
CA ARG A 97 -8.97 19.05 6.72
C ARG A 97 -8.76 19.72 5.37
N LYS A 98 -7.91 20.74 5.36
CA LYS A 98 -7.65 21.49 4.13
C LYS A 98 -7.22 20.62 2.99
N LEU A 99 -6.69 19.44 3.29
CA LEU A 99 -6.29 18.53 2.23
C LEU A 99 -7.51 17.86 1.65
N MET A 100 -8.12 16.99 2.45
CA MET A 100 -9.30 16.31 1.99
C MET A 100 -10.13 17.22 1.07
N VAL A 101 -10.30 18.47 1.47
CA VAL A 101 -11.07 19.42 0.66
C VAL A 101 -10.34 19.64 -0.65
N CYS A 102 -9.12 20.10 -0.54
CA CYS A 102 -8.28 20.39 -1.70
C CYS A 102 -8.06 19.14 -2.54
N VAL A 103 -8.80 18.08 -2.21
CA VAL A 103 -8.71 16.83 -2.98
C VAL A 103 -10.08 16.54 -3.51
N GLY A 104 -11.08 16.70 -2.66
CA GLY A 104 -12.46 16.47 -3.07
C GLY A 104 -12.85 17.43 -4.16
N GLU A 105 -11.85 18.10 -4.70
CA GLU A 105 -12.05 19.05 -5.78
C GLU A 105 -11.50 18.45 -7.06
N GLU A 106 -10.43 17.68 -6.95
CA GLU A 106 -9.80 17.06 -8.10
C GLU A 106 -10.55 15.78 -8.53
N LEU A 107 -11.45 15.33 -7.68
CA LEU A 107 -12.25 14.16 -7.99
C LEU A 107 -13.53 14.59 -8.71
N ASP A 108 -13.94 13.84 -9.72
CA ASP A 108 -15.14 14.20 -10.45
C ASP A 108 -16.28 13.24 -10.16
N SER A 109 -17.47 13.60 -10.64
CA SER A 109 -18.70 12.85 -10.44
C SER A 109 -18.63 11.36 -10.63
N SER A 110 -17.77 10.90 -11.53
CA SER A 110 -17.67 9.48 -11.80
C SER A 110 -16.72 8.81 -10.84
N GLU A 111 -15.54 9.41 -10.67
CA GLU A 111 -14.56 8.85 -9.76
C GLU A 111 -15.13 8.91 -8.34
N LEU A 112 -15.79 10.02 -8.04
CA LEU A 112 -16.36 10.25 -6.72
C LEU A 112 -17.44 9.26 -6.38
N ARG A 113 -18.14 8.78 -7.39
CA ARG A 113 -19.22 7.82 -7.16
C ARG A 113 -18.63 6.43 -7.16
N ALA A 114 -17.40 6.31 -7.63
CA ALA A 114 -16.77 5.00 -7.64
C ALA A 114 -16.32 4.78 -6.22
N LEU A 115 -15.86 5.84 -5.57
CA LEU A 115 -15.38 5.74 -4.20
C LEU A 115 -16.55 5.43 -3.28
N ARG A 116 -17.70 6.03 -3.56
CA ARG A 116 -18.87 5.78 -2.76
C ARG A 116 -19.10 4.27 -2.76
N LEU A 117 -19.46 3.74 -3.93
CA LEU A 117 -19.71 2.32 -4.09
C LEU A 117 -18.54 1.45 -3.69
N PHE A 118 -17.44 2.06 -3.30
CA PHE A 118 -16.27 1.30 -2.88
C PHE A 118 -16.38 1.20 -1.38
N ALA A 119 -16.47 2.35 -0.75
CA ALA A 119 -16.58 2.39 0.70
C ALA A 119 -17.67 1.42 1.13
N CYS A 120 -18.76 1.41 0.39
CA CYS A 120 -19.88 0.54 0.72
C CYS A 120 -19.58 -0.95 0.56
N ASN A 121 -18.30 -1.30 0.42
CA ASN A 121 -17.93 -2.71 0.29
C ASN A 121 -17.10 -3.20 1.46
N LEU A 122 -16.01 -2.51 1.77
CA LEU A 122 -15.17 -2.94 2.88
C LEU A 122 -15.94 -2.67 4.17
N ASN A 123 -17.21 -2.35 4.01
CA ASN A 123 -18.07 -2.09 5.15
C ASN A 123 -19.46 -1.72 4.67
N PRO A 124 -20.41 -2.66 4.74
CA PRO A 124 -21.77 -2.39 4.31
C PRO A 124 -22.57 -1.55 5.32
N SER A 125 -21.89 -1.02 6.32
CA SER A 125 -22.56 -0.18 7.31
C SER A 125 -22.39 1.28 6.92
N LEU A 126 -21.92 1.52 5.70
CA LEU A 126 -21.71 2.87 5.19
C LEU A 126 -22.76 3.25 4.18
N SER A 127 -23.43 2.25 3.59
CA SER A 127 -24.47 2.53 2.60
C SER A 127 -25.73 2.98 3.32
N THR A 128 -25.56 3.41 4.56
CA THR A 128 -26.66 3.91 5.39
C THR A 128 -26.31 5.32 5.88
N ALA A 129 -25.41 5.97 5.16
CA ALA A 129 -24.97 7.32 5.47
C ALA A 129 -24.29 7.88 4.22
N LEU A 130 -24.50 7.19 3.11
CA LEU A 130 -23.93 7.59 1.83
C LEU A 130 -24.83 7.29 0.63
N SER A 131 -25.46 8.34 0.13
CA SER A 131 -26.32 8.28 -1.04
C SER A 131 -25.37 8.84 -2.10
N GLU A 132 -25.39 8.29 -3.31
CA GLU A 132 -24.49 8.71 -4.41
C GLU A 132 -24.77 10.12 -4.94
N SER A 133 -24.95 11.03 -3.99
CA SER A 133 -25.22 12.46 -4.22
C SER A 133 -24.55 13.24 -3.07
N SER A 134 -23.68 12.54 -2.34
CA SER A 134 -22.97 13.11 -1.22
C SER A 134 -21.60 13.54 -1.70
N ARG A 135 -21.15 14.71 -1.29
CA ARG A 135 -19.85 15.24 -1.69
C ARG A 135 -18.73 14.40 -1.11
N PHE A 136 -17.54 14.55 -1.69
CA PHE A 136 -16.37 13.82 -1.22
C PHE A 136 -16.25 14.08 0.25
N VAL A 137 -16.09 15.35 0.57
CA VAL A 137 -15.94 15.82 1.93
C VAL A 137 -16.77 15.08 2.92
N GLU A 138 -17.89 14.51 2.47
CA GLU A 138 -18.75 13.75 3.36
C GLU A 138 -18.25 12.32 3.47
N LEU A 139 -18.15 11.66 2.34
CA LEU A 139 -17.69 10.29 2.32
C LEU A 139 -16.43 10.16 3.17
N VAL A 140 -15.69 11.25 3.33
CA VAL A 140 -14.47 11.19 4.13
C VAL A 140 -14.87 11.03 5.60
N LEU A 141 -15.75 11.90 6.05
CA LEU A 141 -16.20 11.86 7.43
C LEU A 141 -16.83 10.53 7.78
N ALA A 142 -17.51 9.92 6.82
CA ALA A 142 -18.19 8.64 7.06
C ALA A 142 -17.17 7.56 7.26
N LEU A 143 -16.07 7.68 6.54
CA LEU A 143 -15.00 6.72 6.69
C LEU A 143 -14.37 6.99 8.05
N GLU A 144 -14.35 8.26 8.46
CA GLU A 144 -13.76 8.66 9.73
C GLU A 144 -14.44 8.00 10.95
N ASN A 145 -15.71 7.64 10.82
CA ASN A 145 -16.44 7.01 11.91
C ASN A 145 -16.16 5.53 12.04
N VAL A 146 -15.96 4.86 10.91
CA VAL A 146 -15.68 3.44 10.96
C VAL A 146 -14.20 3.25 11.27
N GLY A 147 -13.47 4.37 11.36
CA GLY A 147 -12.04 4.34 11.65
C GLY A 147 -11.21 3.94 10.47
N LEU A 148 -11.55 4.45 9.29
CA LEU A 148 -10.83 4.11 8.08
C LEU A 148 -9.92 5.25 7.62
N VAL A 149 -10.11 6.43 8.19
CA VAL A 149 -9.25 7.54 7.85
C VAL A 149 -9.05 8.36 9.11
N SER A 150 -8.23 9.39 9.02
CA SER A 150 -7.91 10.25 10.15
C SER A 150 -6.63 10.96 9.74
N PRO A 151 -6.20 11.93 10.53
CA PRO A 151 -4.97 12.61 10.13
C PRO A 151 -3.75 11.71 10.29
N SER A 152 -3.96 10.45 10.68
CA SER A 152 -2.82 9.57 10.87
C SER A 152 -2.84 8.28 10.08
N SER A 153 -3.93 8.02 9.38
CA SER A 153 -4.03 6.80 8.59
C SER A 153 -4.79 7.06 7.28
N VAL A 154 -4.14 7.72 6.33
CA VAL A 154 -4.81 8.01 5.09
C VAL A 154 -4.66 6.87 4.10
N SER A 155 -3.80 5.91 4.42
CA SER A 155 -3.57 4.79 3.53
C SER A 155 -4.85 4.19 2.97
N VAL A 156 -5.69 3.62 3.83
CA VAL A 156 -6.95 3.02 3.36
C VAL A 156 -7.50 3.77 2.18
N LEU A 157 -7.43 5.09 2.28
CA LEU A 157 -7.93 5.98 1.24
C LEU A 157 -6.95 6.03 0.09
N ALA A 158 -5.70 6.30 0.42
CA ALA A 158 -4.65 6.38 -0.57
C ALA A 158 -4.84 5.33 -1.66
N ASP A 159 -4.56 4.08 -1.33
CA ASP A 159 -4.69 3.01 -2.29
C ASP A 159 -6.13 2.69 -2.66
N MET A 160 -7.01 3.62 -2.31
CA MET A 160 -8.41 3.50 -2.64
C MET A 160 -8.45 4.38 -3.88
N LEU A 161 -7.58 5.38 -3.88
CA LEU A 161 -7.46 6.32 -4.98
C LEU A 161 -6.51 5.70 -5.99
N ARG A 162 -5.40 5.16 -5.51
CA ARG A 162 -4.42 4.54 -6.41
C ARG A 162 -5.20 3.51 -7.20
N THR A 163 -6.36 3.15 -6.67
CA THR A 163 -7.24 2.21 -7.33
C THR A 163 -7.83 2.91 -8.55
N LEU A 164 -8.41 4.07 -8.32
CA LEU A 164 -9.00 4.84 -9.40
C LEU A 164 -7.93 5.36 -10.35
N ARG A 165 -6.69 4.93 -10.15
CA ARG A 165 -5.57 5.33 -11.00
C ARG A 165 -5.19 6.79 -10.96
N ARG A 166 -5.49 7.48 -9.88
CA ARG A 166 -5.12 8.87 -9.79
C ARG A 166 -3.89 8.94 -8.92
N LEU A 167 -2.84 8.30 -9.36
CA LEU A 167 -1.61 8.29 -8.61
C LEU A 167 -1.41 9.66 -7.99
N ASP A 168 -1.62 10.72 -8.78
CA ASP A 168 -1.42 12.07 -8.27
C ASP A 168 -2.02 12.24 -6.89
N LEU A 169 -3.33 12.07 -6.76
CA LEU A 169 -3.96 12.17 -5.45
C LEU A 169 -3.28 11.19 -4.51
N CYS A 170 -3.09 9.97 -4.99
CA CYS A 170 -2.45 8.92 -4.20
C CYS A 170 -1.14 9.44 -3.64
N GLN A 171 -0.41 10.16 -4.46
CA GLN A 171 0.85 10.75 -4.06
C GLN A 171 0.63 11.95 -3.16
N GLN A 172 -0.12 12.91 -3.66
CA GLN A 172 -0.45 14.13 -2.94
C GLN A 172 -1.01 13.85 -1.54
N LEU A 173 -1.42 12.61 -1.31
CA LEU A 173 -2.01 12.21 -0.05
C LEU A 173 -0.98 11.50 0.78
N VAL A 174 0.23 11.37 0.25
CA VAL A 174 1.28 10.74 1.00
C VAL A 174 2.34 11.80 1.17
N GLU A 175 2.27 12.85 0.33
CA GLU A 175 3.20 13.97 0.43
C GLU A 175 2.84 14.67 1.72
N TYR A 176 1.60 14.47 2.15
CA TYR A 176 1.10 15.02 3.40
C TYR A 176 1.64 14.07 4.45
N GLU A 177 1.34 12.78 4.25
CA GLU A 177 1.74 11.69 5.13
C GLU A 177 3.21 11.81 5.52
N GLN A 178 3.97 12.62 4.78
CA GLN A 178 5.37 12.84 5.10
C GLN A 178 5.44 13.99 6.07
N GLN A 179 5.23 15.19 5.56
CA GLN A 179 5.26 16.42 6.36
C GLN A 179 4.67 16.25 7.75
N GLU A 180 3.38 15.97 7.82
CA GLU A 180 2.71 15.75 9.08
C GLU A 180 3.52 14.72 9.87
N GLN A 181 3.52 13.49 9.40
CA GLN A 181 4.25 12.38 10.04
C GLN A 181 5.73 12.67 10.29
N ALA A 182 6.17 13.84 9.85
CA ALA A 182 7.55 14.23 10.03
C ALA A 182 7.67 15.21 11.19
N ARG A 183 7.67 16.51 10.89
CA ARG A 183 7.78 17.54 11.94
C ARG A 183 7.17 17.11 13.27
N TYR A 184 5.85 16.91 13.22
CA TYR A 184 5.02 16.50 14.35
C TYR A 184 5.56 15.30 15.13
N ARG A 185 6.84 15.03 14.98
CA ARG A 185 7.45 13.91 15.67
C ARG A 185 8.95 14.12 15.75
N TYR A 186 9.49 14.81 14.74
CA TYR A 186 10.91 15.09 14.68
C TYR A 186 11.18 16.48 15.23
N CYS A 187 10.18 17.33 15.17
CA CYS A 187 10.35 18.67 15.68
C CYS A 187 9.86 18.72 17.12
N TYR A 188 8.62 18.31 17.37
CA TYR A 188 8.12 18.27 18.74
C TYR A 188 8.87 17.11 19.42
N ALA A 189 10.08 16.85 18.95
CA ALA A 189 10.94 15.77 19.45
C ALA A 189 11.95 16.25 20.49
N ALA A 190 13.17 16.53 20.02
CA ALA A 190 14.24 16.96 20.91
C ALA A 190 14.17 18.43 21.31
N SER A 191 13.07 18.84 21.94
CA SER A 191 12.92 20.23 22.38
C SER A 191 11.54 20.54 22.98
N SER B 2 -17.11 -24.66 29.07
CA SER B 2 -17.26 -25.81 28.13
C SER B 2 -16.49 -27.03 28.61
N ASP B 3 -15.19 -27.07 28.33
CA ASP B 3 -14.33 -28.18 28.71
C ASP B 3 -13.15 -27.73 29.61
N SER B 4 -12.20 -28.64 29.85
CA SER B 4 -11.03 -28.34 30.67
C SER B 4 -9.89 -27.75 29.85
N LYS B 5 -10.24 -27.14 28.72
CA LYS B 5 -9.25 -26.52 27.83
C LYS B 5 -9.67 -25.10 27.45
N GLU B 6 -10.64 -24.55 28.18
CA GLU B 6 -11.13 -23.19 27.94
C GLU B 6 -11.60 -22.49 29.21
N VAL B 7 -11.50 -23.17 30.35
CA VAL B 7 -11.91 -22.59 31.64
C VAL B 7 -10.96 -23.02 32.76
N PRO B 8 -10.11 -22.09 33.22
CA PRO B 8 -9.13 -22.31 34.29
C PRO B 8 -9.76 -22.40 35.68
N SER B 9 -8.95 -22.83 36.65
CA SER B 9 -9.39 -22.95 38.05
C SER B 9 -9.19 -21.60 38.74
N LEU B 10 -9.49 -21.56 40.04
CA LEU B 10 -9.33 -20.31 40.80
C LEU B 10 -8.20 -20.39 41.83
N PRO B 11 -8.10 -21.52 42.56
CA PRO B 11 -7.05 -21.70 43.57
C PRO B 11 -5.62 -21.70 43.02
N PHE B 12 -5.44 -22.28 41.83
CA PHE B 12 -4.12 -22.36 41.20
C PHE B 12 -3.75 -21.03 40.53
N LEU B 13 -4.76 -20.28 40.11
CA LEU B 13 -4.53 -18.97 39.50
C LEU B 13 -3.79 -18.13 40.52
N ARG B 14 -4.35 -18.08 41.73
CA ARG B 14 -3.75 -17.33 42.82
C ARG B 14 -2.31 -17.78 43.01
N HIS B 15 -2.08 -19.07 42.78
CA HIS B 15 -0.75 -19.66 42.91
C HIS B 15 0.11 -19.40 41.68
N LEU B 16 -0.53 -19.04 40.56
CA LEU B 16 0.22 -18.74 39.34
C LEU B 16 0.60 -17.28 39.38
N LEU B 17 -0.39 -16.45 39.72
CA LEU B 17 -0.23 -15.01 39.84
C LEU B 17 0.84 -14.65 40.88
N GLU B 18 1.41 -15.68 41.50
CA GLU B 18 2.45 -15.50 42.51
C GLU B 18 3.87 -15.49 41.92
N GLU B 19 4.19 -16.49 41.11
CA GLU B 19 5.52 -16.56 40.50
C GLU B 19 5.76 -15.47 39.44
N LEU B 20 4.72 -14.67 39.18
CA LEU B 20 4.84 -13.58 38.23
C LEU B 20 5.20 -12.30 38.98
N ASP B 21 6.41 -11.83 38.74
CA ASP B 21 6.96 -10.63 39.37
C ASP B 21 6.07 -9.38 39.29
N SER B 22 6.62 -8.23 39.71
CA SER B 22 5.88 -6.96 39.69
C SER B 22 5.82 -6.37 38.29
N HIS B 23 6.84 -6.66 37.49
CA HIS B 23 6.94 -6.18 36.11
C HIS B 23 5.88 -6.91 35.28
N GLU B 24 5.92 -8.24 35.32
CA GLU B 24 4.99 -9.08 34.57
C GLU B 24 3.55 -8.86 34.96
N ASP B 25 3.34 -8.07 36.00
CA ASP B 25 1.99 -7.80 36.45
C ASP B 25 1.44 -6.61 35.68
N SER B 26 2.00 -5.42 35.93
CA SER B 26 1.53 -4.24 35.22
C SER B 26 1.61 -4.53 33.74
N LEU B 27 2.57 -5.37 33.36
CA LEU B 27 2.72 -5.73 31.98
C LEU B 27 1.55 -6.62 31.53
N LEU B 28 1.18 -7.56 32.38
CA LEU B 28 0.06 -8.45 32.08
C LEU B 28 -1.27 -7.70 32.08
N LEU B 29 -1.44 -6.79 33.03
CA LEU B 29 -2.64 -5.99 33.14
C LEU B 29 -2.96 -5.27 31.83
N PHE B 30 -1.92 -4.72 31.21
CA PHE B 30 -2.05 -4.01 29.94
C PHE B 30 -2.67 -4.94 28.91
N LEU B 31 -2.01 -6.06 28.68
CA LEU B 31 -2.42 -7.07 27.73
C LEU B 31 -3.93 -7.25 27.75
N CYS B 32 -4.56 -6.76 28.81
CA CYS B 32 -5.99 -6.85 28.95
C CYS B 32 -6.47 -5.60 29.66
N HIS B 33 -6.64 -4.55 28.87
CA HIS B 33 -7.09 -3.26 29.38
C HIS B 33 -8.32 -2.91 28.56
N ASP B 34 -8.57 -3.71 27.54
CA ASP B 34 -9.71 -3.50 26.65
C ASP B 34 -10.88 -4.37 27.04
N ALA B 35 -10.62 -5.38 27.86
CA ALA B 35 -11.66 -6.30 28.29
C ALA B 35 -12.08 -6.06 29.73
N ALA B 36 -11.12 -5.72 30.58
CA ALA B 36 -11.40 -5.46 32.00
C ALA B 36 -11.13 -3.99 32.29
N PRO B 37 -11.80 -3.08 31.56
CA PRO B 37 -11.65 -1.63 31.71
C PRO B 37 -11.73 -1.06 33.12
N GLY B 38 -10.60 -0.57 33.62
CA GLY B 38 -10.55 0.01 34.95
C GLY B 38 -9.69 -0.77 35.94
N CYS B 39 -9.92 -2.07 36.03
CA CYS B 39 -9.19 -2.95 36.94
C CYS B 39 -7.73 -2.54 37.18
N THR B 40 -7.21 -2.87 38.35
CA THR B 40 -5.82 -2.56 38.65
C THR B 40 -5.06 -3.86 38.84
N THR B 41 -4.87 -4.28 40.09
CA THR B 41 -4.17 -5.53 40.39
C THR B 41 -4.44 -6.55 39.30
N VAL B 42 -3.45 -7.38 38.98
CA VAL B 42 -3.64 -8.37 37.94
C VAL B 42 -4.92 -9.13 38.29
N THR B 43 -5.10 -9.36 39.59
CA THR B 43 -6.28 -10.04 40.09
C THR B 43 -7.48 -9.22 39.68
N GLN B 44 -7.44 -7.93 40.00
CA GLN B 44 -8.51 -7.00 39.66
C GLN B 44 -9.00 -7.31 38.24
N ALA B 45 -8.05 -7.31 37.30
CA ALA B 45 -8.37 -7.59 35.91
C ALA B 45 -8.99 -8.97 35.76
N LEU B 46 -8.29 -9.98 36.28
CA LEU B 46 -8.76 -11.36 36.21
C LEU B 46 -10.14 -11.55 36.81
N CYS B 47 -10.35 -10.97 37.99
CA CYS B 47 -11.64 -11.09 38.67
C CYS B 47 -12.78 -10.72 37.73
N SER B 48 -12.57 -9.71 36.90
CA SER B 48 -13.58 -9.26 35.94
C SER B 48 -13.63 -10.13 34.69
N LEU B 49 -12.50 -10.72 34.34
CA LEU B 49 -12.42 -11.59 33.15
C LEU B 49 -13.06 -12.93 33.46
N SER B 50 -12.79 -13.43 34.66
CA SER B 50 -13.34 -14.71 35.11
C SER B 50 -14.85 -14.71 34.87
N GLN B 51 -15.53 -13.72 35.45
CA GLN B 51 -16.98 -13.59 35.32
C GLN B 51 -17.42 -13.35 33.88
N GLN B 52 -16.92 -12.29 33.26
CA GLN B 52 -17.28 -11.93 31.90
C GLN B 52 -17.28 -13.15 30.96
N ARG B 53 -16.65 -14.22 31.42
CA ARG B 53 -16.55 -15.49 30.68
C ARG B 53 -15.48 -15.39 29.59
N LYS B 54 -14.70 -14.32 29.64
CA LYS B 54 -13.63 -14.13 28.64
C LYS B 54 -12.34 -14.81 29.07
N LEU B 55 -12.05 -14.76 30.37
CA LEU B 55 -10.85 -15.35 30.93
C LEU B 55 -10.74 -16.85 30.65
N THR B 56 -10.67 -17.21 29.37
CA THR B 56 -10.58 -18.62 28.99
C THR B 56 -9.20 -19.14 29.34
N LEU B 57 -8.98 -20.43 29.12
CA LEU B 57 -7.69 -21.05 29.40
C LEU B 57 -6.67 -20.68 28.32
N ALA B 58 -7.09 -20.83 27.07
CA ALA B 58 -6.24 -20.50 25.94
C ALA B 58 -5.79 -19.05 26.07
N ALA B 59 -6.76 -18.14 26.09
CA ALA B 59 -6.50 -16.72 26.21
C ALA B 59 -5.43 -16.52 27.30
N LEU B 60 -5.53 -17.33 28.33
CA LEU B 60 -4.58 -17.28 29.43
C LEU B 60 -3.24 -17.74 28.90
N VAL B 61 -3.22 -18.93 28.29
CA VAL B 61 -1.99 -19.49 27.75
C VAL B 61 -1.18 -18.48 26.96
N GLU B 62 -1.88 -17.53 26.35
CA GLU B 62 -1.20 -16.51 25.57
C GLU B 62 -0.55 -15.51 26.50
N MET B 63 -1.36 -14.91 27.38
CA MET B 63 -0.86 -13.92 28.34
C MET B 63 0.46 -14.41 28.90
N LEU B 64 0.55 -15.71 29.11
CA LEU B 64 1.74 -16.33 29.65
C LEU B 64 2.75 -16.41 28.51
N TYR B 65 2.29 -16.92 27.37
CA TYR B 65 3.15 -17.06 26.20
C TYR B 65 3.85 -15.75 25.86
N VAL B 66 3.21 -14.64 26.17
CA VAL B 66 3.80 -13.33 25.88
C VAL B 66 4.84 -12.92 26.92
N LEU B 67 4.51 -13.06 28.20
CA LEU B 67 5.45 -12.67 29.26
C LEU B 67 6.66 -13.58 29.14
N GLN B 68 6.68 -14.38 28.08
CA GLN B 68 7.76 -15.33 27.76
C GLN B 68 8.24 -16.20 28.91
N ARG B 69 7.38 -17.09 29.38
CA ARG B 69 7.72 -17.99 30.46
C ARG B 69 7.44 -19.44 30.13
N MET B 70 8.29 -20.05 29.30
CA MET B 70 8.12 -21.44 28.93
C MET B 70 8.15 -22.29 30.20
N ASP B 71 8.94 -21.84 31.16
CA ASP B 71 9.06 -22.52 32.45
C ASP B 71 7.68 -22.71 33.08
N LEU B 72 6.95 -21.62 33.26
CA LEU B 72 5.61 -21.68 33.82
C LEU B 72 4.65 -22.38 32.85
N LEU B 73 4.99 -22.40 31.55
CA LEU B 73 4.15 -23.03 30.55
C LEU B 73 4.25 -24.55 30.59
N LYS B 74 5.31 -25.07 31.21
CA LYS B 74 5.50 -26.52 31.33
C LYS B 74 5.18 -27.00 32.75
N SER B 75 5.75 -26.31 33.74
CA SER B 75 5.56 -26.65 35.15
C SER B 75 4.11 -26.50 35.65
N ARG B 76 3.23 -26.02 34.80
CA ARG B 76 1.83 -25.82 35.20
C ARG B 76 0.87 -26.28 34.09
N PHE B 77 1.29 -26.11 32.84
CA PHE B 77 0.47 -26.47 31.69
C PHE B 77 1.08 -27.60 30.87
N GLY B 78 2.27 -28.06 31.25
CA GLY B 78 2.94 -29.14 30.56
C GLY B 78 3.33 -28.89 29.12
N LEU B 79 2.69 -27.92 28.49
CA LEU B 79 2.97 -27.58 27.10
C LEU B 79 4.27 -26.78 26.94
N SER B 80 5.10 -27.22 26.00
CA SER B 80 6.37 -26.52 25.75
C SER B 80 6.10 -25.47 24.69
N LYS B 81 7.14 -24.71 24.33
CA LYS B 81 6.99 -23.68 23.30
C LYS B 81 6.35 -24.31 22.07
N GLU B 82 6.63 -25.60 21.84
CA GLU B 82 6.11 -26.35 20.70
C GLU B 82 4.62 -26.74 20.78
N GLY B 83 3.98 -26.45 21.91
CA GLY B 83 2.57 -26.79 22.05
C GLY B 83 1.69 -25.65 22.56
N ALA B 84 2.28 -24.45 22.67
CA ALA B 84 1.55 -23.28 23.16
C ALA B 84 1.11 -22.39 21.99
N GLU B 85 1.86 -22.42 20.90
CA GLU B 85 1.55 -21.63 19.72
C GLU B 85 0.33 -22.23 19.03
N GLN B 86 -0.14 -23.35 19.56
CA GLN B 86 -1.30 -24.03 19.00
C GLN B 86 -2.65 -23.56 19.53
N LEU B 87 -2.77 -22.28 19.85
CA LEU B 87 -4.03 -21.74 20.35
C LEU B 87 -4.03 -20.22 20.49
N LEU B 88 -3.15 -19.55 19.75
CA LEU B 88 -3.08 -18.10 19.79
C LEU B 88 -4.18 -17.50 18.92
N GLY B 89 -4.61 -16.29 19.26
CA GLY B 89 -5.65 -15.62 18.51
C GLY B 89 -7.05 -15.93 19.02
N THR B 90 -7.20 -17.11 19.60
CA THR B 90 -8.46 -17.58 20.15
C THR B 90 -8.78 -16.82 21.44
N SER B 91 -8.12 -15.68 21.62
CA SER B 91 -8.31 -14.87 22.82
C SER B 91 -8.88 -13.47 22.56
N PHE B 92 -8.86 -12.67 23.61
CA PHE B 92 -9.33 -11.30 23.56
C PHE B 92 -8.09 -10.40 23.50
N LEU B 93 -6.94 -11.03 23.24
CA LEU B 93 -5.67 -10.32 23.16
C LEU B 93 -5.41 -9.86 21.73
N THR B 94 -5.48 -8.55 21.50
CA THR B 94 -5.25 -7.98 20.17
C THR B 94 -3.84 -8.25 19.66
N ARG B 95 -3.73 -8.30 18.34
CA ARG B 95 -2.45 -8.49 17.72
C ARG B 95 -1.60 -7.34 18.25
N TYR B 96 -2.24 -6.18 18.40
CA TYR B 96 -1.61 -4.95 18.88
C TYR B 96 -1.03 -5.03 20.28
N ARG B 97 -1.88 -5.24 21.28
CA ARG B 97 -1.39 -5.33 22.66
C ARG B 97 -0.14 -6.17 22.76
N LYS B 98 -0.23 -7.40 22.26
CA LYS B 98 0.88 -8.33 22.31
C LYS B 98 2.15 -7.79 21.69
N LEU B 99 1.99 -6.82 20.80
CA LEU B 99 3.15 -6.23 20.18
C LEU B 99 3.80 -5.28 21.16
N MET B 100 3.13 -4.16 21.42
CA MET B 100 3.65 -3.16 22.33
C MET B 100 4.44 -3.85 23.45
N VAL B 101 3.89 -4.94 23.98
CA VAL B 101 4.57 -5.68 25.05
C VAL B 101 5.84 -6.28 24.52
N CYS B 102 5.68 -7.11 23.49
CA CYS B 102 6.80 -7.79 22.85
C CYS B 102 7.79 -6.78 22.29
N VAL B 103 7.61 -5.52 22.62
CA VAL B 103 8.52 -4.47 22.16
C VAL B 103 9.08 -3.82 23.43
N GLY B 104 8.19 -3.52 24.36
CA GLY B 104 8.60 -2.92 25.61
C GLY B 104 9.57 -3.82 26.33
N GLU B 105 10.02 -4.83 25.61
CA GLU B 105 10.96 -5.79 26.16
C GLU B 105 12.33 -5.54 25.53
N GLU B 106 12.32 -5.17 24.25
CA GLU B 106 13.55 -4.90 23.52
C GLU B 106 14.12 -3.50 23.84
N LEU B 107 13.34 -2.70 24.53
CA LEU B 107 13.78 -1.37 24.91
C LEU B 107 14.45 -1.48 26.27
N ASP B 108 15.52 -0.74 26.49
CA ASP B 108 16.20 -0.77 27.78
C ASP B 108 16.03 0.52 28.56
N SER B 109 16.44 0.49 29.82
CA SER B 109 16.34 1.63 30.74
C SER B 109 16.75 3.00 30.20
N SER B 110 17.71 3.03 29.28
CA SER B 110 18.16 4.31 28.72
C SER B 110 17.29 4.74 27.55
N GLU B 111 17.04 3.83 26.63
CA GLU B 111 16.21 4.15 25.48
C GLU B 111 14.79 4.43 25.96
N LEU B 112 14.33 3.64 26.92
CA LEU B 112 13.00 3.75 27.49
C LEU B 112 12.78 5.07 28.22
N ARG B 113 13.84 5.63 28.76
CA ARG B 113 13.72 6.91 29.46
C ARG B 113 13.90 8.04 28.46
N ALA B 114 14.39 7.71 27.26
CA ALA B 114 14.58 8.72 26.24
C ALA B 114 13.20 8.97 25.67
N LEU B 115 12.43 7.90 25.55
CA LEU B 115 11.06 7.97 25.02
C LEU B 115 10.17 8.75 25.97
N ARG B 116 10.38 8.54 27.26
CA ARG B 116 9.61 9.25 28.24
C ARG B 116 9.82 10.73 27.94
N LEU B 117 11.04 11.20 28.18
CA LEU B 117 11.40 12.60 27.96
C LEU B 117 11.12 13.08 26.56
N PHE B 118 10.66 12.20 25.70
CA PHE B 118 10.35 12.59 24.34
C PHE B 118 8.87 12.90 24.34
N ALA B 119 8.07 11.94 24.76
CA ALA B 119 6.63 12.10 24.79
C ALA B 119 6.34 13.42 25.47
N CYS B 120 7.05 13.69 26.56
CA CYS B 120 6.82 14.91 27.33
C CYS B 120 7.17 16.19 26.59
N ASN B 121 7.37 16.08 25.28
CA ASN B 121 7.69 17.26 24.48
C ASN B 121 6.61 17.59 23.47
N LEU B 122 6.21 16.62 22.66
CA LEU B 122 5.18 16.91 21.68
C LEU B 122 3.88 17.05 22.41
N ASN B 123 3.97 17.11 23.74
CA ASN B 123 2.80 17.27 24.59
C ASN B 123 3.21 17.34 26.05
N PRO B 124 3.26 18.55 26.63
CA PRO B 124 3.64 18.67 28.02
C PRO B 124 2.52 18.27 28.98
N SER B 125 1.48 17.65 28.45
CA SER B 125 0.36 17.20 29.30
C SER B 125 0.55 15.71 29.63
N LEU B 126 1.74 15.21 29.34
CA LEU B 126 2.06 13.82 29.61
C LEU B 126 3.04 13.69 30.77
N SER B 127 3.74 14.76 31.11
CA SER B 127 4.68 14.73 32.23
C SER B 127 3.89 14.80 33.54
N THR B 128 2.60 14.49 33.44
CA THR B 128 1.69 14.48 34.59
C THR B 128 1.03 13.11 34.69
N ALA B 129 1.67 12.11 34.10
CA ALA B 129 1.20 10.73 34.08
C ALA B 129 2.37 9.84 33.68
N LEU B 130 3.57 10.43 33.74
CA LEU B 130 4.77 9.73 33.38
C LEU B 130 5.99 10.13 34.20
N SER B 131 6.34 9.28 35.16
CA SER B 131 7.52 9.48 35.99
C SER B 131 8.53 8.54 35.33
N GLU B 132 9.80 8.96 35.23
CA GLU B 132 10.81 8.13 34.57
C GLU B 132 11.15 6.83 35.32
N SER B 133 10.10 6.13 35.73
CA SER B 133 10.17 4.86 36.45
C SER B 133 8.95 4.06 36.01
N SER B 134 8.33 4.52 34.92
CA SER B 134 7.16 3.87 34.37
C SER B 134 7.60 2.97 33.23
N ARG B 135 7.03 1.77 33.17
CA ARG B 135 7.38 0.81 32.13
C ARG B 135 6.92 1.30 30.77
N PHE B 136 7.48 0.72 29.72
CA PHE B 136 7.11 1.09 28.37
C PHE B 136 5.59 0.98 28.25
N VAL B 137 5.11 -0.23 28.48
CA VAL B 137 3.72 -0.55 28.42
C VAL B 137 2.82 0.55 28.93
N GLU B 138 3.33 1.37 29.85
CA GLU B 138 2.52 2.45 30.37
C GLU B 138 2.60 3.63 29.44
N LEU B 139 3.81 4.10 29.18
CA LEU B 139 4.03 5.24 28.29
C LEU B 139 3.21 5.06 27.01
N VAL B 140 2.93 3.81 26.65
CA VAL B 140 2.14 3.54 25.46
C VAL B 140 0.72 4.00 25.72
N LEU B 141 0.15 3.50 26.80
CA LEU B 141 -1.21 3.85 27.15
C LEU B 141 -1.43 5.36 27.33
N ALA B 142 -0.39 6.06 27.83
CA ALA B 142 -0.48 7.50 28.05
C ALA B 142 -0.56 8.20 26.72
N LEU B 143 0.16 7.65 25.73
CA LEU B 143 0.15 8.19 24.39
C LEU B 143 -1.21 7.91 23.78
N GLU B 144 -1.79 6.78 24.17
CA GLU B 144 -3.10 6.36 23.69
C GLU B 144 -4.21 7.33 24.07
N ASN B 145 -4.03 8.07 25.16
CA ASN B 145 -5.05 9.03 25.60
C ASN B 145 -5.00 10.35 24.86
N VAL B 146 -3.80 10.79 24.52
CA VAL B 146 -3.67 12.03 23.79
C VAL B 146 -3.93 11.76 22.31
N GLY B 147 -4.14 10.49 21.99
CA GLY B 147 -4.41 10.10 20.61
C GLY B 147 -3.18 10.06 19.73
N LEU B 148 -2.09 9.56 20.29
CA LEU B 148 -0.84 9.49 19.54
C LEU B 148 -0.53 8.08 19.06
N VAL B 149 -1.24 7.09 19.58
CA VAL B 149 -1.04 5.72 19.15
C VAL B 149 -2.40 5.06 19.15
N SER B 150 -2.41 3.80 18.74
CA SER B 150 -3.64 3.03 18.67
C SER B 150 -3.33 1.90 17.73
N PRO B 151 -4.26 0.96 17.57
CA PRO B 151 -3.94 -0.12 16.65
C PRO B 151 -3.98 0.33 15.18
N SER B 152 -4.18 1.62 14.94
CA SER B 152 -4.24 2.10 13.56
C SER B 152 -3.26 3.21 13.20
N SER B 153 -2.55 3.73 14.19
CA SER B 153 -1.59 4.81 13.94
C SER B 153 -0.36 4.67 14.81
N VAL B 154 0.49 3.70 14.49
CA VAL B 154 1.69 3.52 15.27
C VAL B 154 2.83 4.40 14.80
N SER B 155 2.63 5.07 13.66
CA SER B 155 3.67 5.94 13.12
C SER B 155 4.28 6.85 14.18
N VAL B 156 3.49 7.76 14.76
CA VAL B 156 4.01 8.69 15.77
C VAL B 156 5.08 8.05 16.60
N LEU B 157 4.84 6.79 16.94
CA LEU B 157 5.75 6.01 17.75
C LEU B 157 6.88 5.50 16.88
N ALA B 158 6.52 4.91 15.76
CA ALA B 158 7.52 4.36 14.85
C ALA B 158 8.72 5.24 14.73
N ASP B 159 8.56 6.36 14.05
CA ASP B 159 9.66 7.28 13.87
C ASP B 159 10.05 8.00 15.15
N MET B 160 9.59 7.46 16.28
CA MET B 160 9.94 8.00 17.59
C MET B 160 11.06 7.03 17.99
N LEU B 161 10.94 5.81 17.49
CA LEU B 161 11.91 4.75 17.72
C LEU B 161 12.98 4.92 16.69
N ARG B 162 12.58 5.11 15.44
CA ARG B 162 13.55 5.27 14.37
C ARG B 162 14.45 6.39 14.80
N THR B 163 13.96 7.19 15.75
CA THR B 163 14.73 8.29 16.29
C THR B 163 15.83 7.72 17.14
N LEU B 164 15.45 6.82 18.03
CA LEU B 164 16.41 6.15 18.91
C LEU B 164 17.30 5.18 18.14
N ARG B 165 17.17 5.21 16.83
CA ARG B 165 18.00 4.36 15.97
C ARG B 165 17.80 2.87 16.08
N ARG B 166 16.61 2.45 16.49
CA ARG B 166 16.35 1.02 16.57
C ARG B 166 15.47 0.68 15.38
N LEU B 167 16.01 0.88 14.18
CA LEU B 167 15.27 0.60 12.98
C LEU B 167 14.48 -0.66 13.21
N ASP B 168 15.13 -1.67 13.79
CA ASP B 168 14.46 -2.95 14.02
C ASP B 168 13.06 -2.74 14.58
N LEU B 169 12.93 -2.15 15.77
CA LEU B 169 11.60 -1.91 16.31
C LEU B 169 10.77 -1.07 15.31
N CYS B 170 11.40 -0.05 14.76
CA CYS B 170 10.73 0.81 13.80
C CYS B 170 10.11 -0.02 12.69
N GLN B 171 10.86 -1.02 12.25
CA GLN B 171 10.42 -1.94 11.21
C GLN B 171 9.37 -2.90 11.76
N GLN B 172 9.73 -3.59 12.83
CA GLN B 172 8.87 -4.57 13.51
C GLN B 172 7.54 -3.95 13.91
N LEU B 173 7.48 -2.62 13.89
CA LEU B 173 6.28 -1.91 14.25
C LEU B 173 5.52 -1.48 12.99
N VAL B 174 6.07 -1.78 11.83
CA VAL B 174 5.41 -1.44 10.59
C VAL B 174 5.11 -2.77 9.92
N GLU B 175 5.83 -3.81 10.33
CA GLU B 175 5.60 -5.15 9.79
C GLU B 175 4.23 -5.52 10.31
N TYR B 176 3.84 -4.88 11.40
CA TYR B 176 2.54 -5.11 11.98
C TYR B 176 1.61 -4.25 11.16
N GLU B 177 1.99 -2.99 11.04
CA GLU B 177 1.22 -2.02 10.28
C GLU B 177 0.81 -2.56 8.90
N GLN B 178 1.48 -3.61 8.43
CA GLN B 178 1.12 -4.25 7.16
C GLN B 178 0.00 -5.25 7.43
N GLN B 179 0.37 -6.38 8.02
CA GLN B 179 -0.55 -7.45 8.35
C GLN B 179 -1.90 -6.93 8.77
N GLU B 180 -1.95 -6.20 9.89
CA GLU B 180 -3.19 -5.67 10.40
C GLU B 180 -3.86 -4.86 9.30
N GLN B 181 -3.19 -3.79 8.89
CA GLN B 181 -3.71 -2.90 7.85
C GLN B 181 -4.01 -3.61 6.51
N ALA B 182 -3.71 -4.91 6.45
CA ALA B 182 -3.94 -5.71 5.24
C ALA B 182 -5.21 -6.51 5.40
N ARG B 183 -5.07 -7.76 5.82
CA ARG B 183 -6.21 -8.66 6.03
C ARG B 183 -7.48 -7.90 6.43
N TYR B 184 -7.44 -7.32 7.63
CA TYR B 184 -8.53 -6.55 8.24
C TYR B 184 -9.18 -5.52 7.29
N ARG B 185 -8.91 -5.63 5.99
CA ARG B 185 -9.45 -4.71 5.00
C ARG B 185 -9.54 -5.40 3.64
N TYR B 186 -8.63 -6.33 3.39
CA TYR B 186 -8.60 -7.06 2.13
C TYR B 186 -9.30 -8.41 2.27
N CYS B 187 -9.39 -8.91 3.50
CA CYS B 187 -10.07 -10.18 3.76
C CYS B 187 -11.53 -9.89 4.17
N TYR B 188 -11.73 -9.04 5.18
CA TYR B 188 -13.07 -8.66 5.60
C TYR B 188 -13.59 -7.73 4.50
N ALA B 189 -13.06 -7.94 3.29
CA ALA B 189 -13.40 -7.13 2.11
C ALA B 189 -14.48 -7.78 1.25
N ALA B 190 -14.06 -8.50 0.22
CA ALA B 190 -14.98 -9.16 -0.71
C ALA B 190 -15.56 -10.50 -0.21
N SER B 191 -16.24 -10.47 0.95
CA SER B 191 -16.85 -11.66 1.52
C SER B 191 -17.49 -11.43 2.90
N SER C 2 28.42 7.96 -36.02
CA SER C 2 27.96 9.19 -36.73
C SER C 2 28.94 10.35 -36.57
N ASP C 3 28.85 11.06 -35.44
CA ASP C 3 29.70 12.21 -35.16
C ASP C 3 30.51 12.03 -33.85
N SER C 4 31.16 13.10 -33.40
CA SER C 4 31.96 13.07 -32.17
C SER C 4 31.12 13.41 -30.95
N LYS C 5 29.81 13.20 -31.05
CA LYS C 5 28.88 13.48 -29.96
C LYS C 5 27.95 12.28 -29.70
N GLU C 6 28.32 11.12 -30.27
CA GLU C 6 27.54 9.90 -30.10
C GLU C 6 28.41 8.63 -30.11
N VAL C 7 29.72 8.78 -30.25
CA VAL C 7 30.64 7.65 -30.25
C VAL C 7 31.95 8.00 -29.54
N PRO C 8 32.13 7.45 -28.32
CA PRO C 8 33.32 7.68 -27.48
C PRO C 8 34.57 6.94 -27.98
N SER C 9 35.71 7.29 -27.40
CA SER C 9 37.00 6.67 -27.75
C SER C 9 37.17 5.39 -26.91
N LEU C 10 38.32 4.74 -27.05
CA LEU C 10 38.58 3.51 -26.30
C LEU C 10 39.70 3.68 -25.27
N PRO C 11 40.80 4.38 -25.64
CA PRO C 11 41.93 4.61 -24.73
C PRO C 11 41.59 5.46 -23.51
N PHE C 12 40.72 6.45 -23.69
CA PHE C 12 40.31 7.34 -22.60
C PHE C 12 39.25 6.68 -21.70
N LEU C 13 38.46 5.78 -22.27
CA LEU C 13 37.44 5.06 -21.52
C LEU C 13 38.17 4.32 -20.41
N ARG C 14 39.21 3.57 -20.79
CA ARG C 14 40.01 2.81 -19.85
C ARG C 14 40.53 3.76 -18.78
N HIS C 15 40.81 5.00 -19.19
CA HIS C 15 41.30 6.02 -18.27
C HIS C 15 40.17 6.66 -17.46
N LEU C 16 38.94 6.52 -17.93
CA LEU C 16 37.80 7.07 -17.22
C LEU C 16 37.34 6.02 -16.21
N LEU C 17 37.21 4.79 -16.70
CA LEU C 17 36.80 3.66 -15.88
C LEU C 17 37.76 3.46 -14.69
N GLU C 18 38.78 4.31 -14.62
CA GLU C 18 39.78 4.25 -13.55
C GLU C 18 39.40 5.09 -12.34
N GLU C 19 39.04 6.36 -12.58
CA GLU C 19 38.65 7.25 -11.48
C GLU C 19 37.31 6.86 -10.83
N LEU C 20 36.67 5.84 -11.37
CA LEU C 20 35.41 5.38 -10.82
C LEU C 20 35.70 4.21 -9.88
N ASP C 21 35.47 4.46 -8.60
CA ASP C 21 35.67 3.48 -7.54
C ASP C 21 35.04 2.09 -7.76
N SER C 22 35.07 1.25 -6.72
CA SER C 22 34.49 -0.09 -6.83
C SER C 22 32.95 -0.06 -6.68
N HIS C 23 32.46 0.93 -5.95
CA HIS C 23 31.03 1.11 -5.73
C HIS C 23 30.39 1.53 -7.06
N GLU C 24 30.92 2.62 -7.62
CA GLU C 24 30.41 3.17 -8.87
C GLU C 24 30.54 2.19 -10.02
N ASP C 25 31.18 1.06 -9.78
CA ASP C 25 31.33 0.08 -10.83
C ASP C 25 30.13 -0.85 -10.82
N SER C 26 29.99 -1.65 -9.77
CA SER C 26 28.85 -2.56 -9.70
C SER C 26 27.61 -1.72 -9.87
N LEU C 27 27.68 -0.48 -9.43
CA LEU C 27 26.54 0.39 -9.55
C LEU C 27 26.31 0.74 -11.03
N LEU C 28 27.39 1.04 -11.73
CA LEU C 28 27.31 1.38 -13.15
C LEU C 28 26.89 0.17 -13.97
N LEU C 29 27.40 -1.00 -13.62
CA LEU C 29 27.08 -2.23 -14.33
C LEU C 29 25.57 -2.42 -14.34
N PHE C 30 24.93 -2.20 -13.22
CA PHE C 30 23.47 -2.34 -13.10
C PHE C 30 22.77 -1.48 -14.15
N LEU C 31 23.06 -0.18 -14.10
CA LEU C 31 22.49 0.81 -15.00
C LEU C 31 22.40 0.27 -16.41
N CYS C 32 23.13 -0.80 -16.69
CA CYS C 32 23.15 -1.45 -18.00
C CYS C 32 23.30 -2.96 -17.82
N HIS C 33 22.18 -3.59 -17.52
CA HIS C 33 22.10 -5.03 -17.30
C HIS C 33 21.04 -5.56 -18.28
N ASP C 34 20.36 -4.63 -18.94
CA ASP C 34 19.33 -4.97 -19.90
C ASP C 34 19.88 -4.91 -21.31
N ALA C 35 21.04 -4.29 -21.47
CA ALA C 35 21.65 -4.17 -22.80
C ALA C 35 22.84 -5.10 -22.96
N ALA C 36 23.61 -5.25 -21.89
CA ALA C 36 24.78 -6.12 -21.92
C ALA C 36 24.54 -7.31 -20.99
N PRO C 37 23.45 -8.07 -21.22
CA PRO C 37 23.08 -9.24 -20.41
C PRO C 37 24.18 -10.27 -20.14
N GLY C 38 24.60 -10.34 -18.89
CA GLY C 38 25.63 -11.29 -18.50
C GLY C 38 26.92 -10.67 -18.03
N CYS C 39 27.45 -9.74 -18.81
CA CYS C 39 28.70 -9.06 -18.50
C CYS C 39 28.93 -8.83 -17.01
N THR C 40 30.20 -8.77 -16.61
CA THR C 40 30.55 -8.52 -15.22
C THR C 40 31.28 -7.19 -15.12
N THR C 41 32.61 -7.24 -15.09
CA THR C 41 33.41 -6.03 -15.01
C THR C 41 32.73 -4.90 -15.76
N VAL C 42 32.87 -3.66 -15.29
CA VAL C 42 32.26 -2.54 -15.98
C VAL C 42 32.70 -2.65 -17.43
N THR C 43 33.97 -3.01 -17.61
CA THR C 43 34.54 -3.19 -18.93
C THR C 43 33.71 -4.24 -19.65
N GLN C 44 33.55 -5.39 -19.00
CA GLN C 44 32.76 -6.49 -19.55
C GLN C 44 31.51 -5.93 -20.21
N ALA C 45 30.76 -5.14 -19.45
CA ALA C 45 29.53 -4.53 -19.96
C ALA C 45 29.83 -3.63 -21.14
N LEU C 46 30.76 -2.69 -20.95
CA LEU C 46 31.14 -1.76 -22.01
C LEU C 46 31.59 -2.44 -23.28
N CYS C 47 32.46 -3.44 -23.13
CA CYS C 47 32.99 -4.19 -24.27
C CYS C 47 31.83 -4.63 -25.18
N SER C 48 30.72 -5.07 -24.59
CA SER C 48 29.56 -5.53 -25.34
C SER C 48 28.70 -4.38 -25.86
N LEU C 49 28.73 -3.25 -25.16
CA LEU C 49 27.97 -2.07 -25.57
C LEU C 49 28.68 -1.36 -26.73
N SER C 50 30.00 -1.32 -26.64
CA SER C 50 30.81 -0.69 -27.66
C SER C 50 30.42 -1.27 -29.02
N GLN C 51 30.51 -2.60 -29.14
CA GLN C 51 30.16 -3.31 -30.37
C GLN C 51 28.69 -3.16 -30.77
N GLN C 52 27.80 -3.56 -29.88
CA GLN C 52 26.37 -3.50 -30.13
C GLN C 52 25.95 -2.15 -30.73
N ARG C 53 26.85 -1.17 -30.65
CA ARG C 53 26.64 0.18 -31.17
C ARG C 53 25.73 0.98 -30.26
N LYS C 54 25.46 0.45 -29.07
CA LYS C 54 24.60 1.14 -28.11
C LYS C 54 25.38 2.10 -27.22
N LEU C 55 26.60 1.71 -26.86
CA LEU C 55 27.49 2.53 -26.04
C LEU C 55 27.79 3.90 -26.66
N THR C 56 26.76 4.70 -26.86
CA THR C 56 26.92 6.03 -27.43
C THR C 56 27.59 6.94 -26.42
N LEU C 57 27.90 8.16 -26.83
CA LEU C 57 28.54 9.13 -25.96
C LEU C 57 27.52 9.69 -24.98
N ALA C 58 26.35 10.09 -25.50
CA ALA C 58 25.30 10.63 -24.65
C ALA C 58 24.93 9.61 -23.58
N ALA C 59 24.51 8.43 -24.03
CA ALA C 59 24.14 7.35 -23.12
C ALA C 59 25.18 7.26 -22.02
N LEU C 60 26.43 7.47 -22.41
CA LEU C 60 27.52 7.45 -21.47
C LEU C 60 27.37 8.63 -20.52
N VAL C 61 27.22 9.83 -21.09
CA VAL C 61 27.08 11.05 -20.30
C VAL C 61 26.07 10.91 -19.19
N GLU C 62 25.09 10.05 -19.40
CA GLU C 62 24.06 9.81 -18.39
C GLU C 62 24.63 8.93 -17.30
N MET C 63 25.15 7.76 -17.69
CA MET C 63 25.73 6.82 -16.72
C MET C 63 26.59 7.59 -15.74
N LEU C 64 27.28 8.60 -16.24
CA LEU C 64 28.14 9.45 -15.43
C LEU C 64 27.25 10.41 -14.67
N TYR C 65 26.29 11.02 -15.38
CA TYR C 65 25.36 11.95 -14.77
C TYR C 65 24.64 11.35 -13.56
N VAL C 66 24.45 10.03 -13.58
CA VAL C 66 23.78 9.35 -12.48
C VAL C 66 24.72 9.07 -11.30
N LEU C 67 25.92 8.56 -11.58
CA LEU C 67 26.87 8.28 -10.49
C LEU C 67 27.24 9.62 -9.82
N GLN C 68 26.55 10.68 -10.25
CA GLN C 68 26.74 12.06 -9.76
C GLN C 68 28.17 12.54 -9.65
N ARG C 69 28.81 12.72 -10.79
CA ARG C 69 30.19 13.17 -10.81
C ARG C 69 30.38 14.34 -11.75
N MET C 70 29.92 15.52 -11.35
CA MET C 70 30.07 16.73 -12.16
C MET C 70 31.55 16.92 -12.44
N ASP C 71 32.38 16.56 -11.46
CA ASP C 71 33.83 16.68 -11.59
C ASP C 71 34.31 15.98 -12.85
N LEU C 72 33.98 14.70 -12.99
CA LEU C 72 34.36 13.93 -14.16
C LEU C 72 33.62 14.43 -15.39
N LEU C 73 32.48 15.10 -15.19
CA LEU C 73 31.71 15.63 -16.31
C LEU C 73 32.30 16.88 -16.90
N LYS C 74 33.18 17.54 -16.16
CA LYS C 74 33.87 18.76 -16.64
C LYS C 74 35.31 18.47 -17.04
N SER C 75 36.03 17.79 -16.16
CA SER C 75 37.44 17.46 -16.39
C SER C 75 37.67 16.49 -17.56
N ARG C 76 36.60 16.00 -18.18
CA ARG C 76 36.72 15.08 -19.30
C ARG C 76 35.76 15.44 -20.43
N PHE C 77 34.58 15.95 -20.06
CA PHE C 77 33.56 16.32 -21.02
C PHE C 77 33.29 17.83 -21.07
N GLY C 78 33.96 18.57 -20.21
CA GLY C 78 33.80 20.02 -20.16
C GLY C 78 32.42 20.54 -19.80
N LEU C 79 31.41 19.69 -19.96
CA LEU C 79 30.03 20.06 -19.65
C LEU C 79 29.75 20.07 -18.15
N SER C 80 29.14 21.14 -17.67
CA SER C 80 28.79 21.27 -16.26
C SER C 80 27.39 20.70 -16.08
N LYS C 81 26.91 20.68 -14.84
CA LYS C 81 25.58 20.16 -14.57
C LYS C 81 24.60 20.86 -15.50
N GLU C 82 24.91 22.10 -15.85
CA GLU C 82 24.07 22.90 -16.73
C GLU C 82 24.09 22.51 -18.21
N GLY C 83 24.95 21.57 -18.58
CA GLY C 83 25.05 21.16 -19.97
C GLY C 83 24.99 19.66 -20.19
N ALA C 84 24.72 18.90 -19.13
CA ALA C 84 24.64 17.44 -19.22
C ALA C 84 23.19 16.94 -19.28
N GLU C 85 22.29 17.73 -18.70
CA GLU C 85 20.88 17.39 -18.69
C GLU C 85 20.31 17.59 -20.09
N GLN C 86 21.15 18.09 -20.99
CA GLN C 86 20.75 18.35 -22.38
C GLN C 86 20.92 17.16 -23.34
N LEU C 87 20.71 15.94 -22.83
CA LEU C 87 20.82 14.76 -23.67
C LEU C 87 20.41 13.48 -22.95
N LEU C 88 19.59 13.61 -21.92
CA LEU C 88 19.11 12.45 -21.17
C LEU C 88 17.96 11.79 -21.92
N GLY C 89 17.79 10.48 -21.74
CA GLY C 89 16.73 9.75 -22.40
C GLY C 89 17.15 9.17 -23.74
N THR C 90 18.08 9.85 -24.39
CA THR C 90 18.61 9.47 -25.68
C THR C 90 19.49 8.21 -25.53
N SER C 91 19.31 7.51 -24.42
CA SER C 91 20.11 6.33 -24.13
C SER C 91 19.29 5.07 -23.99
N PHE C 92 19.98 4.01 -23.56
CA PHE C 92 19.37 2.71 -23.34
C PHE C 92 19.13 2.56 -21.84
N LEU C 93 19.25 3.67 -21.13
CA LEU C 93 19.07 3.69 -19.68
C LEU C 93 17.61 3.99 -19.33
N THR C 94 16.92 2.98 -18.81
CA THR C 94 15.52 3.13 -18.44
C THR C 94 15.31 4.15 -17.34
N ARG C 95 14.12 4.74 -17.35
CA ARG C 95 13.76 5.71 -16.35
C ARG C 95 13.92 4.96 -15.02
N TYR C 96 13.55 3.67 -15.05
CA TYR C 96 13.63 2.78 -13.91
C TYR C 96 15.01 2.58 -13.34
N ARG C 97 15.93 2.00 -14.13
CA ARG C 97 17.30 1.76 -13.66
C ARG C 97 17.87 2.97 -12.93
N LYS C 98 17.85 4.10 -13.62
CA LYS C 98 18.35 5.33 -13.06
C LYS C 98 17.72 5.69 -11.71
N LEU C 99 16.52 5.17 -11.44
CA LEU C 99 15.85 5.45 -10.18
C LEU C 99 16.48 4.58 -9.12
N MET C 100 16.23 3.29 -9.21
CA MET C 100 16.80 2.38 -8.23
C MET C 100 18.19 2.84 -7.78
N VAL C 101 19.02 3.29 -8.71
CA VAL C 101 20.36 3.79 -8.38
C VAL C 101 20.22 5.05 -7.55
N CYS C 102 19.56 6.06 -8.14
CA CYS C 102 19.35 7.34 -7.49
C CYS C 102 18.56 7.19 -6.18
N VAL C 103 18.39 5.94 -5.74
CA VAL C 103 17.70 5.65 -4.49
C VAL C 103 18.69 4.89 -3.61
N GLY C 104 19.36 3.93 -4.19
CA GLY C 104 20.33 3.15 -3.43
C GLY C 104 21.44 4.06 -2.96
N GLU C 105 21.21 5.35 -3.07
CA GLU C 105 22.17 6.33 -2.63
C GLU C 105 21.66 6.98 -1.35
N GLU C 106 20.35 7.16 -1.27
CA GLU C 106 19.73 7.77 -0.11
C GLU C 106 19.59 6.76 1.03
N LEU C 107 19.82 5.50 0.76
CA LEU C 107 19.71 4.50 1.79
C LEU C 107 21.06 4.36 2.41
N ASP C 108 21.13 4.13 3.72
CA ASP C 108 22.43 4.00 4.39
C ASP C 108 22.66 2.60 4.88
N SER C 109 23.88 2.35 5.34
CA SER C 109 24.30 1.03 5.81
C SER C 109 23.37 0.29 6.77
N SER C 110 22.62 1.03 7.58
CA SER C 110 21.70 0.41 8.52
C SER C 110 20.36 0.12 7.86
N GLU C 111 19.82 1.09 7.14
CA GLU C 111 18.54 0.91 6.48
C GLU C 111 18.71 -0.13 5.39
N LEU C 112 19.87 -0.08 4.74
CA LEU C 112 20.20 -0.99 3.64
C LEU C 112 20.34 -2.43 4.06
N ARG C 113 20.75 -2.63 5.30
CA ARG C 113 20.90 -3.98 5.83
C ARG C 113 19.58 -4.44 6.45
N ALA C 114 18.66 -3.52 6.67
CA ALA C 114 17.37 -3.88 7.22
C ALA C 114 16.60 -4.46 6.04
N LEU C 115 16.75 -3.84 4.88
CA LEU C 115 16.07 -4.32 3.68
C LEU C 115 16.58 -5.70 3.32
N ARG C 116 17.87 -5.93 3.49
CA ARG C 116 18.43 -7.23 3.20
C ARG C 116 17.66 -8.23 4.03
N LEU C 117 17.84 -8.15 5.34
CA LEU C 117 17.17 -9.06 6.27
C LEU C 117 15.66 -9.04 6.15
N PHE C 118 15.14 -8.20 5.28
CA PHE C 118 13.70 -8.14 5.09
C PHE C 118 13.39 -9.05 3.93
N ALA C 119 14.05 -8.79 2.80
CA ALA C 119 13.87 -9.59 1.61
C ALA C 119 14.00 -11.05 1.98
N CYS C 120 14.98 -11.35 2.82
CA CYS C 120 15.20 -12.73 3.24
C CYS C 120 14.07 -13.32 4.09
N ASN C 121 12.92 -12.65 4.12
CA ASN C 121 11.78 -13.17 4.88
C ASN C 121 10.60 -13.53 4.01
N LEU C 122 10.15 -12.61 3.17
CA LEU C 122 9.03 -12.95 2.31
C LEU C 122 9.50 -13.93 1.26
N ASN C 123 10.70 -14.45 1.48
CA ASN C 123 11.30 -15.42 0.57
C ASN C 123 12.68 -15.84 1.06
N PRO C 124 12.79 -17.01 1.69
CA PRO C 124 14.08 -17.48 2.17
C PRO C 124 14.99 -18.01 1.07
N SER C 125 14.61 -17.77 -0.18
CA SER C 125 15.43 -18.22 -1.30
C SER C 125 16.28 -17.06 -1.77
N LEU C 126 16.32 -15.99 -0.97
CA LEU C 126 17.10 -14.82 -1.30
C LEU C 126 18.36 -14.73 -0.45
N SER C 127 18.36 -15.43 0.68
CA SER C 127 19.52 -15.41 1.58
C SER C 127 20.61 -16.30 0.99
N THR C 128 20.49 -16.58 -0.31
CA THR C 128 21.44 -17.41 -1.04
C THR C 128 21.93 -16.64 -2.25
N ALA C 129 21.82 -15.31 -2.17
CA ALA C 129 22.25 -14.41 -3.24
C ALA C 129 22.37 -13.02 -2.62
N LEU C 130 22.33 -12.98 -1.28
CA LEU C 130 22.41 -11.74 -0.55
C LEU C 130 23.16 -11.83 0.77
N SER C 131 24.40 -11.35 0.76
CA SER C 131 25.25 -11.29 1.94
C SER C 131 25.07 -9.83 2.35
N GLU C 132 24.97 -9.55 3.65
CA GLU C 132 24.78 -8.17 4.12
C GLU C 132 25.99 -7.24 3.89
N SER C 133 26.52 -7.31 2.67
CA SER C 133 27.67 -6.52 2.20
C SER C 133 27.40 -6.25 0.72
N SER C 134 26.17 -6.50 0.31
CA SER C 134 25.77 -6.29 -1.06
C SER C 134 25.09 -4.93 -1.15
N ARG C 135 25.40 -4.19 -2.21
CA ARG C 135 24.83 -2.86 -2.42
C ARG C 135 23.33 -2.96 -2.68
N PHE C 136 22.64 -1.84 -2.52
CA PHE C 136 21.21 -1.81 -2.77
C PHE C 136 20.96 -2.38 -4.15
N VAL C 137 21.57 -1.69 -5.11
CA VAL C 137 21.48 -2.01 -6.52
C VAL C 137 21.44 -3.48 -6.81
N GLU C 138 22.03 -4.27 -5.91
CA GLU C 138 22.03 -5.71 -6.07
C GLU C 138 20.76 -6.27 -5.50
N LEU C 139 20.51 -6.00 -4.23
CA LEU C 139 19.30 -6.51 -3.60
C LEU C 139 18.09 -6.24 -4.49
N VAL C 140 18.17 -5.23 -5.35
CA VAL C 140 17.05 -4.93 -6.25
C VAL C 140 16.95 -6.02 -7.30
N LEU C 141 18.07 -6.30 -7.96
CA LEU C 141 18.10 -7.32 -8.98
C LEU C 141 17.71 -8.68 -8.45
N ALA C 142 18.02 -8.97 -7.20
CA ALA C 142 17.68 -10.26 -6.59
C ALA C 142 16.19 -10.36 -6.41
N LEU C 143 15.57 -9.23 -6.09
CA LEU C 143 14.12 -9.19 -5.95
C LEU C 143 13.53 -9.33 -7.33
N GLU C 144 14.25 -8.80 -8.32
CA GLU C 144 13.80 -8.86 -9.71
C GLU C 144 13.65 -10.29 -10.22
N ASN C 145 14.42 -11.22 -9.66
CA ASN C 145 14.35 -12.62 -10.09
C ASN C 145 13.20 -13.39 -9.50
N VAL C 146 12.83 -13.06 -8.27
CA VAL C 146 11.72 -13.74 -7.61
C VAL C 146 10.41 -13.09 -8.07
N GLY C 147 10.53 -12.03 -8.88
CA GLY C 147 9.38 -11.31 -9.39
C GLY C 147 8.74 -10.39 -8.37
N LEU C 148 9.56 -9.70 -7.59
CA LEU C 148 9.05 -8.81 -6.57
C LEU C 148 9.19 -7.38 -6.97
N VAL C 149 9.93 -7.11 -8.04
CA VAL C 149 10.06 -5.75 -8.51
C VAL C 149 10.14 -5.80 -10.02
N SER C 150 10.24 -4.63 -10.63
CA SER C 150 10.31 -4.52 -12.07
C SER C 150 9.89 -3.10 -12.36
N PRO C 151 9.96 -2.68 -13.62
CA PRO C 151 9.54 -1.31 -13.90
C PRO C 151 8.01 -1.12 -13.83
N SER C 152 7.29 -2.17 -13.45
CA SER C 152 5.84 -2.08 -13.38
C SER C 152 5.21 -2.43 -12.03
N SER C 153 6.02 -2.91 -11.09
CA SER C 153 5.53 -3.28 -9.77
C SER C 153 6.52 -2.94 -8.68
N VAL C 154 6.68 -1.66 -8.40
CA VAL C 154 7.60 -1.24 -7.38
C VAL C 154 6.98 -1.30 -6.00
N SER C 155 5.66 -1.48 -5.94
CA SER C 155 4.96 -1.53 -4.66
C SER C 155 5.68 -2.41 -3.62
N VAL C 156 5.79 -3.70 -3.87
CA VAL C 156 6.45 -4.59 -2.91
C VAL C 156 7.61 -3.90 -2.20
N LEU C 157 8.35 -3.12 -2.96
CA LEU C 157 9.48 -2.38 -2.46
C LEU C 157 9.00 -1.15 -1.74
N ALA C 158 8.16 -0.38 -2.41
CA ALA C 158 7.63 0.85 -1.83
C ALA C 158 7.33 0.67 -0.36
N ASP C 159 6.26 -0.03 -0.06
CA ASP C 159 5.88 -0.23 1.33
C ASP C 159 6.87 -1.10 2.08
N MET C 160 8.04 -1.28 1.51
CA MET C 160 9.10 -2.06 2.14
C MET C 160 9.94 -0.95 2.72
N LEU C 161 9.90 0.17 2.02
CA LEU C 161 10.61 1.37 2.40
C LEU C 161 9.71 2.12 3.37
N ARG C 162 8.44 2.26 3.02
CA ARG C 162 7.51 2.96 3.88
C ARG C 162 7.62 2.29 5.26
N THR C 163 8.18 1.08 5.24
CA THR C 163 8.40 0.32 6.44
C THR C 163 9.51 0.98 7.19
N LEU C 164 10.63 1.18 6.53
CA LEU C 164 11.77 1.83 7.14
C LEU C 164 11.48 3.29 7.44
N ARG C 165 10.23 3.71 7.23
CA ARG C 165 9.82 5.07 7.50
C ARG C 165 10.45 6.15 6.64
N ARG C 166 10.87 5.82 5.43
CA ARG C 166 11.44 6.83 4.59
C ARG C 166 10.38 7.19 3.60
N LEU C 167 9.26 7.71 4.08
CA LEU C 167 8.17 8.07 3.20
C LEU C 167 8.75 8.64 1.94
N ASP C 168 9.72 9.55 2.08
CA ASP C 168 10.31 10.18 0.90
C ASP C 168 10.59 9.19 -0.22
N LEU C 169 11.45 8.22 0.01
CA LEU C 169 11.72 7.22 -1.02
C LEU C 169 10.40 6.56 -1.40
N CYS C 170 9.60 6.21 -0.40
CA CYS C 170 8.31 5.58 -0.64
C CYS C 170 7.54 6.40 -1.66
N GLN C 171 7.62 7.71 -1.50
CA GLN C 171 6.94 8.66 -2.38
C GLN C 171 7.66 8.74 -3.71
N GLN C 172 8.92 9.12 -3.63
CA GLN C 172 9.78 9.26 -4.80
C GLN C 172 9.74 8.02 -5.69
N LEU C 173 9.24 6.90 -5.12
CA LEU C 173 9.15 5.63 -5.84
C LEU C 173 7.75 5.44 -6.36
N VAL C 174 6.88 6.39 -6.12
CA VAL C 174 5.53 6.29 -6.64
C VAL C 174 5.35 7.48 -7.54
N GLU C 175 6.24 8.46 -7.37
CA GLU C 175 6.20 9.64 -8.22
C GLU C 175 6.63 9.14 -9.57
N TYR C 176 7.36 8.04 -9.57
CA TYR C 176 7.82 7.40 -10.80
C TYR C 176 6.61 6.63 -11.28
N GLU C 177 6.11 5.80 -10.39
CA GLU C 177 4.97 4.95 -10.65
C GLU C 177 3.86 5.75 -11.35
N GLN C 178 3.94 7.09 -11.28
CA GLN C 178 2.95 7.93 -11.94
C GLN C 178 3.39 8.12 -13.36
N GLN C 179 4.44 8.93 -13.52
CA GLN C 179 5.00 9.26 -14.84
C GLN C 179 5.04 8.08 -15.80
N GLU C 180 5.78 7.06 -15.43
CA GLU C 180 5.89 5.86 -16.24
C GLU C 180 4.49 5.36 -16.52
N GLN C 181 3.82 4.88 -15.48
CA GLN C 181 2.47 4.35 -15.59
C GLN C 181 1.47 5.32 -16.26
N ALA C 182 1.93 6.52 -16.58
CA ALA C 182 1.09 7.52 -17.23
C ALA C 182 1.37 7.55 -18.72
N ARG C 183 2.25 8.46 -19.14
CA ARG C 183 2.62 8.58 -20.55
C ARG C 183 2.54 7.26 -21.31
N TYR C 184 3.44 6.35 -20.93
CA TYR C 184 3.59 5.01 -21.49
C TYR C 184 2.27 4.26 -21.64
N ARG C 185 1.15 4.97 -21.58
CA ARG C 185 -0.17 4.34 -21.70
C ARG C 185 -1.18 5.36 -22.19
N TYR C 186 -0.96 6.61 -21.81
CA TYR C 186 -1.85 7.69 -22.20
C TYR C 186 -1.30 8.41 -23.43
N CYS C 187 0.01 8.30 -23.66
CA CYS C 187 0.61 8.93 -24.82
C CYS C 187 0.70 7.91 -25.94
N TYR C 188 1.30 6.75 -25.67
CA TYR C 188 1.38 5.69 -26.68
C TYR C 188 -0.02 5.11 -26.77
N ALA C 189 -1.00 5.97 -26.50
CA ALA C 189 -2.42 5.64 -26.51
C ALA C 189 -3.10 5.99 -27.83
N ALA C 190 -3.74 7.15 -27.85
CA ALA C 190 -4.47 7.62 -29.03
C ALA C 190 -3.59 8.25 -30.11
N SER C 191 -2.63 7.49 -30.63
CA SER C 191 -1.73 7.97 -31.68
C SER C 191 -0.61 6.96 -32.04
N SER D 2 -8.44 -40.03 -7.51
CA SER D 2 -8.84 -40.28 -6.09
C SER D 2 -10.30 -40.76 -5.98
N ASP D 3 -11.23 -39.81 -5.99
CA ASP D 3 -12.67 -40.12 -5.88
C ASP D 3 -13.46 -39.60 -7.10
N SER D 4 -14.80 -39.65 -7.01
CA SER D 4 -15.68 -39.19 -8.09
C SER D 4 -15.99 -37.69 -7.96
N LYS D 5 -15.11 -36.97 -7.28
CA LYS D 5 -15.27 -35.53 -7.08
C LYS D 5 -14.00 -34.77 -7.44
N GLU D 6 -13.09 -35.44 -8.13
CA GLU D 6 -11.82 -34.84 -8.55
C GLU D 6 -11.31 -35.40 -9.88
N VAL D 7 -12.04 -36.33 -10.48
CA VAL D 7 -11.66 -36.93 -11.76
C VAL D 7 -12.87 -37.17 -12.66
N PRO D 8 -13.03 -36.36 -13.70
CA PRO D 8 -14.14 -36.44 -14.67
C PRO D 8 -14.03 -37.62 -15.63
N SER D 9 -15.12 -37.87 -16.36
CA SER D 9 -15.18 -38.96 -17.35
C SER D 9 -14.64 -38.43 -18.67
N LEU D 10 -14.67 -39.26 -19.71
CA LEU D 10 -14.18 -38.86 -21.02
C LEU D 10 -15.30 -38.75 -22.06
N PRO D 11 -16.23 -39.71 -22.08
CA PRO D 11 -17.34 -39.69 -23.03
C PRO D 11 -18.30 -38.52 -22.88
N PHE D 12 -18.53 -38.10 -21.62
CA PHE D 12 -19.43 -36.99 -21.32
C PHE D 12 -18.76 -35.64 -21.55
N LEU D 13 -17.44 -35.61 -21.41
CA LEU D 13 -16.67 -34.39 -21.64
C LEU D 13 -16.92 -33.98 -23.08
N ARG D 14 -16.74 -34.95 -23.99
CA ARG D 14 -16.96 -34.72 -25.41
C ARG D 14 -18.38 -34.19 -25.61
N HIS D 15 -19.30 -34.66 -24.78
CA HIS D 15 -20.70 -34.24 -24.85
C HIS D 15 -20.93 -32.89 -24.16
N LEU D 16 -20.00 -32.49 -23.30
CA LEU D 16 -20.11 -31.21 -22.61
C LEU D 16 -19.49 -30.15 -23.52
N LEU D 17 -18.29 -30.47 -24.01
CA LEU D 17 -17.55 -29.60 -24.90
C LEU D 17 -18.37 -29.27 -26.16
N GLU D 18 -19.57 -29.85 -26.23
CA GLU D 18 -20.46 -29.62 -27.37
C GLU D 18 -21.38 -28.44 -27.18
N GLU D 19 -22.07 -28.37 -26.05
CA GLU D 19 -22.98 -27.27 -25.79
C GLU D 19 -22.26 -25.95 -25.56
N LEU D 20 -20.94 -26.00 -25.57
CA LEU D 20 -20.15 -24.79 -25.39
C LEU D 20 -19.78 -24.22 -26.76
N ASP D 21 -20.37 -23.07 -27.09
CA ASP D 21 -20.17 -22.36 -28.35
C ASP D 21 -18.71 -22.14 -28.77
N SER D 22 -18.49 -21.37 -29.83
CA SER D 22 -17.15 -21.08 -30.32
C SER D 22 -16.43 -20.03 -29.48
N HIS D 23 -17.21 -19.14 -28.88
CA HIS D 23 -16.69 -18.08 -28.01
C HIS D 23 -16.16 -18.71 -26.72
N GLU D 24 -17.02 -19.49 -26.06
CA GLU D 24 -16.68 -20.15 -24.79
C GLU D 24 -15.54 -21.16 -24.92
N ASP D 25 -15.11 -21.39 -26.16
CA ASP D 25 -14.01 -22.31 -26.40
C ASP D 25 -12.69 -21.55 -26.30
N SER D 26 -12.41 -20.67 -27.27
CA SER D 26 -11.18 -19.90 -27.21
C SER D 26 -11.10 -19.22 -25.85
N LEU D 27 -12.27 -18.91 -25.29
CA LEU D 27 -12.32 -18.27 -23.98
C LEU D 27 -11.89 -19.28 -22.93
N LEU D 28 -12.38 -20.51 -23.05
CA LEU D 28 -12.03 -21.57 -22.10
C LEU D 28 -10.58 -21.97 -22.23
N LEU D 29 -10.09 -22.02 -23.46
CA LEU D 29 -8.70 -22.38 -23.74
C LEU D 29 -7.74 -21.48 -22.96
N PHE D 30 -8.04 -20.17 -22.97
CA PHE D 30 -7.23 -19.17 -22.27
C PHE D 30 -7.12 -19.54 -20.79
N LEU D 31 -8.27 -19.64 -20.13
CA LEU D 31 -8.35 -19.98 -18.73
C LEU D 31 -7.33 -21.05 -18.35
N CYS D 32 -6.80 -21.74 -19.36
CA CYS D 32 -5.80 -22.78 -19.15
C CYS D 32 -4.82 -22.74 -20.31
N HIS D 33 -3.87 -21.81 -20.20
CA HIS D 33 -2.83 -21.60 -21.21
C HIS D 33 -1.50 -21.71 -20.46
N ASP D 34 -1.60 -21.81 -19.13
CA ASP D 34 -0.42 -21.92 -18.29
C ASP D 34 -0.17 -23.37 -17.89
N ALA D 35 -1.17 -24.21 -18.09
CA ALA D 35 -1.05 -25.63 -17.74
C ALA D 35 -0.89 -26.51 -18.98
N ALA D 36 -1.57 -26.15 -20.06
CA ALA D 36 -1.49 -26.93 -21.29
C ALA D 36 -0.86 -26.06 -22.37
N PRO D 37 0.36 -25.55 -22.11
CA PRO D 37 1.10 -24.70 -23.04
C PRO D 37 1.21 -25.19 -24.48
N GLY D 38 0.55 -24.46 -25.38
CA GLY D 38 0.60 -24.81 -26.79
C GLY D 38 -0.73 -25.25 -27.38
N CYS D 39 -1.39 -26.19 -26.70
CA CYS D 39 -2.68 -26.73 -27.13
C CYS D 39 -3.57 -25.70 -27.83
N THR D 40 -4.43 -26.17 -28.74
CA THR D 40 -5.35 -25.28 -29.44
C THR D 40 -6.77 -25.66 -29.05
N THR D 41 -7.44 -26.47 -29.88
CA THR D 41 -8.81 -26.91 -29.61
C THR D 41 -8.99 -27.08 -28.11
N VAL D 42 -10.18 -26.76 -27.61
CA VAL D 42 -10.43 -26.91 -26.19
C VAL D 42 -10.01 -28.32 -25.82
N THR D 43 -10.31 -29.25 -26.72
CA THR D 43 -9.96 -30.65 -26.53
C THR D 43 -8.44 -30.70 -26.40
N GLN D 44 -7.75 -30.10 -27.36
CA GLN D 44 -6.30 -30.05 -27.34
C GLN D 44 -5.82 -29.79 -25.93
N ALA D 45 -6.34 -28.71 -25.33
CA ALA D 45 -5.98 -28.33 -23.98
C ALA D 45 -6.34 -29.43 -22.99
N LEU D 46 -7.60 -29.85 -23.03
CA LEU D 46 -8.08 -30.90 -22.14
C LEU D 46 -7.27 -32.18 -22.25
N CYS D 47 -7.01 -32.61 -23.48
CA CYS D 47 -6.24 -33.84 -23.73
C CYS D 47 -4.95 -33.85 -22.91
N SER D 48 -4.29 -32.70 -22.82
CA SER D 48 -3.05 -32.56 -22.07
C SER D 48 -3.27 -32.44 -20.56
N LEU D 49 -4.42 -31.88 -20.18
CA LEU D 49 -4.76 -31.72 -18.77
C LEU D 49 -5.18 -33.06 -18.18
N SER D 50 -5.96 -33.81 -18.95
CA SER D 50 -6.44 -35.12 -18.53
C SER D 50 -5.25 -35.93 -18.03
N GLN D 51 -4.24 -36.07 -18.89
CA GLN D 51 -3.04 -36.83 -18.55
C GLN D 51 -2.24 -36.23 -17.40
N GLN D 52 -1.84 -34.97 -17.57
CA GLN D 52 -1.05 -34.28 -16.56
C GLN D 52 -1.61 -34.47 -15.16
N ARG D 53 -2.84 -34.95 -15.07
CA ARG D 53 -3.53 -35.21 -13.81
C ARG D 53 -4.05 -33.92 -13.18
N LYS D 54 -4.00 -32.83 -13.94
CA LYS D 54 -4.48 -31.54 -13.45
C LYS D 54 -5.97 -31.34 -13.71
N LEU D 55 -6.43 -31.83 -14.86
CA LEU D 55 -7.83 -31.71 -15.26
C LEU D 55 -8.77 -32.38 -14.26
N THR D 56 -8.77 -31.87 -13.03
CA THR D 56 -9.63 -32.41 -11.98
C THR D 56 -11.08 -32.02 -12.26
N LEU D 57 -12.00 -32.52 -11.44
CA LEU D 57 -13.43 -32.23 -11.61
C LEU D 57 -13.72 -30.82 -11.13
N ALA D 58 -13.22 -30.51 -9.94
CA ALA D 58 -13.43 -29.19 -9.37
C ALA D 58 -12.89 -28.14 -10.34
N ALA D 59 -11.59 -28.23 -10.63
CA ALA D 59 -10.94 -27.30 -11.54
C ALA D 59 -11.83 -27.10 -12.75
N LEU D 60 -12.51 -28.19 -13.14
CA LEU D 60 -13.41 -28.13 -14.26
C LEU D 60 -14.61 -27.28 -13.86
N VAL D 61 -15.22 -27.63 -12.72
CA VAL D 61 -16.39 -26.91 -12.23
C VAL D 61 -16.21 -25.40 -12.28
N GLU D 62 -14.97 -24.96 -12.15
CA GLU D 62 -14.67 -23.54 -12.20
C GLU D 62 -14.73 -23.05 -13.63
N MET D 63 -13.95 -23.69 -14.50
CA MET D 63 -13.92 -23.32 -15.91
C MET D 63 -15.33 -23.06 -16.40
N LEU D 64 -16.26 -23.87 -15.89
CA LEU D 64 -17.65 -23.76 -16.23
C LEU D 64 -18.22 -22.59 -15.45
N TYR D 65 -17.95 -22.55 -14.16
CA TYR D 65 -18.44 -21.49 -13.30
C TYR D 65 -18.09 -20.11 -13.86
N VAL D 66 -16.99 -20.02 -14.59
CA VAL D 66 -16.54 -18.75 -15.17
C VAL D 66 -17.28 -18.42 -16.45
N LEU D 67 -17.42 -19.40 -17.34
CA LEU D 67 -18.11 -19.14 -18.61
C LEU D 67 -19.57 -18.82 -18.28
N GLN D 68 -19.85 -18.73 -16.98
CA GLN D 68 -21.18 -18.43 -16.45
C GLN D 68 -22.34 -19.24 -17.03
N ARG D 69 -22.34 -20.54 -16.76
CA ARG D 69 -23.41 -21.42 -17.24
C ARG D 69 -24.01 -22.26 -16.13
N MET D 70 -24.83 -21.64 -15.31
CA MET D 70 -25.50 -22.35 -14.21
C MET D 70 -26.30 -23.49 -14.81
N ASP D 71 -26.82 -23.26 -16.01
CA ASP D 71 -27.62 -24.24 -16.72
C ASP D 71 -26.83 -25.55 -16.85
N LEU D 72 -25.63 -25.46 -17.42
CA LEU D 72 -24.78 -26.64 -17.58
C LEU D 72 -24.28 -27.14 -16.23
N LEU D 73 -24.27 -26.25 -15.23
CA LEU D 73 -23.82 -26.62 -13.90
C LEU D 73 -24.85 -27.46 -13.13
N LYS D 74 -26.10 -27.41 -13.58
CA LYS D 74 -27.16 -28.18 -12.95
C LYS D 74 -27.53 -29.41 -13.80
N SER D 75 -27.74 -29.17 -15.09
CA SER D 75 -28.12 -30.23 -16.02
C SER D 75 -27.05 -31.31 -16.24
N ARG D 76 -25.88 -31.13 -15.62
CA ARG D 76 -24.80 -32.09 -15.77
C ARG D 76 -24.12 -32.37 -14.42
N PHE D 77 -24.07 -31.35 -13.57
CA PHE D 77 -23.43 -31.46 -12.26
C PHE D 77 -24.42 -31.32 -11.11
N GLY D 78 -25.67 -31.02 -11.44
CA GLY D 78 -26.70 -30.87 -10.42
C GLY D 78 -26.54 -29.73 -9.44
N LEU D 79 -25.31 -29.22 -9.32
CA LEU D 79 -25.01 -28.12 -8.40
C LEU D 79 -25.46 -26.78 -8.96
N SER D 80 -26.15 -26.01 -8.13
CA SER D 80 -26.63 -24.69 -8.53
C SER D 80 -25.54 -23.69 -8.16
N LYS D 81 -25.78 -22.42 -8.49
CA LYS D 81 -24.81 -21.38 -8.17
C LYS D 81 -24.45 -21.49 -6.69
N GLU D 82 -25.43 -21.93 -5.89
CA GLU D 82 -25.25 -22.09 -4.45
C GLU D 82 -24.38 -23.27 -4.00
N GLY D 83 -23.95 -24.11 -4.94
CA GLY D 83 -23.13 -25.25 -4.59
C GLY D 83 -21.87 -25.40 -5.43
N ALA D 84 -21.60 -24.41 -6.29
CA ALA D 84 -20.43 -24.44 -7.16
C ALA D 84 -19.29 -23.60 -6.59
N GLU D 85 -19.65 -22.56 -5.84
CA GLU D 85 -18.66 -21.69 -5.22
C GLU D 85 -17.95 -22.43 -4.10
N GLN D 86 -18.41 -23.66 -3.83
CA GLN D 86 -17.85 -24.48 -2.77
C GLN D 86 -16.65 -25.34 -3.17
N LEU D 87 -15.83 -24.84 -4.10
CA LEU D 87 -14.64 -25.57 -4.54
C LEU D 87 -13.74 -24.77 -5.47
N LEU D 88 -13.85 -23.45 -5.41
CA LEU D 88 -13.01 -22.58 -6.23
C LEU D 88 -11.61 -22.45 -5.61
N GLY D 89 -10.60 -22.22 -6.45
CA GLY D 89 -9.24 -22.08 -5.97
C GLY D 89 -8.48 -23.40 -5.94
N THR D 90 -9.23 -24.49 -5.76
CA THR D 90 -8.68 -25.84 -5.70
C THR D 90 -8.23 -26.27 -7.08
N SER D 91 -8.08 -25.31 -7.99
CA SER D 91 -7.70 -25.58 -9.36
C SER D 91 -6.37 -24.99 -9.77
N PHE D 92 -6.10 -25.06 -11.07
CA PHE D 92 -4.88 -24.53 -11.67
C PHE D 92 -5.24 -23.21 -12.35
N LEU D 93 -6.44 -22.72 -12.03
CA LEU D 93 -6.94 -21.47 -12.60
C LEU D 93 -6.57 -20.29 -11.73
N THR D 94 -5.64 -19.48 -12.22
CA THR D 94 -5.18 -18.30 -11.49
C THR D 94 -6.30 -17.32 -11.23
N ARG D 95 -6.14 -16.58 -10.13
CA ARG D 95 -7.09 -15.56 -9.77
C ARG D 95 -7.12 -14.65 -10.99
N TYR D 96 -5.95 -14.46 -11.59
CA TYR D 96 -5.76 -13.61 -12.77
C TYR D 96 -6.55 -14.02 -14.00
N ARG D 97 -6.27 -15.20 -14.53
CA ARG D 97 -6.98 -15.70 -15.71
C ARG D 97 -8.48 -15.44 -15.61
N LYS D 98 -9.07 -15.97 -14.54
CA LYS D 98 -10.49 -15.82 -14.30
C LYS D 98 -10.95 -14.39 -14.32
N LEU D 99 -10.04 -13.47 -14.08
CA LEU D 99 -10.42 -12.06 -14.11
C LEU D 99 -10.52 -11.63 -15.56
N MET D 100 -9.37 -11.55 -16.24
CA MET D 100 -9.36 -11.12 -17.63
C MET D 100 -10.61 -11.62 -18.35
N VAL D 101 -11.00 -12.87 -18.08
CA VAL D 101 -12.19 -13.43 -18.70
C VAL D 101 -13.42 -12.70 -18.18
N CYS D 102 -13.59 -12.75 -16.87
CA CYS D 102 -14.71 -12.10 -16.22
C CYS D 102 -14.71 -10.60 -16.51
N VAL D 103 -13.86 -10.17 -17.42
CA VAL D 103 -13.80 -8.76 -17.79
C VAL D 103 -14.09 -8.69 -19.28
N GLY D 104 -13.45 -9.58 -20.03
CA GLY D 104 -13.67 -9.62 -21.47
C GLY D 104 -15.11 -9.92 -21.77
N GLU D 105 -15.94 -9.86 -20.73
CA GLU D 105 -17.36 -10.10 -20.85
C GLU D 105 -18.09 -8.76 -20.75
N GLU D 106 -17.59 -7.88 -19.90
CA GLU D 106 -18.19 -6.58 -19.69
C GLU D 106 -17.83 -5.59 -20.81
N LEU D 107 -16.87 -5.97 -21.65
CA LEU D 107 -16.47 -5.12 -22.77
C LEU D 107 -17.32 -5.51 -23.96
N ASP D 108 -17.73 -4.53 -24.75
CA ASP D 108 -18.54 -4.80 -25.93
C ASP D 108 -17.78 -4.56 -27.22
N SER D 109 -18.38 -4.99 -28.32
CA SER D 109 -17.80 -4.89 -29.66
C SER D 109 -17.14 -3.55 -30.03
N SER D 110 -17.63 -2.44 -29.48
CA SER D 110 -17.06 -1.15 -29.81
C SER D 110 -15.88 -0.82 -28.91
N GLU D 111 -16.06 -1.02 -27.61
CA GLU D 111 -15.00 -0.75 -26.66
C GLU D 111 -13.86 -1.72 -26.91
N LEU D 112 -14.23 -2.96 -27.18
CA LEU D 112 -13.27 -4.03 -27.44
C LEU D 112 -12.43 -3.79 -28.69
N ARG D 113 -13.00 -3.09 -29.66
CA ARG D 113 -12.28 -2.80 -30.90
C ARG D 113 -11.50 -1.51 -30.71
N ALA D 114 -11.82 -0.75 -29.66
CA ALA D 114 -11.09 0.48 -29.40
C ALA D 114 -9.77 0.06 -28.76
N LEU D 115 -9.83 -0.96 -27.92
CA LEU D 115 -8.65 -1.48 -27.25
C LEU D 115 -7.71 -2.08 -28.27
N ARG D 116 -8.28 -2.77 -29.26
CA ARG D 116 -7.46 -3.36 -30.29
C ARG D 116 -6.64 -2.24 -30.90
N LEU D 117 -7.31 -1.32 -31.60
CA LEU D 117 -6.66 -0.18 -32.24
C LEU D 117 -5.85 0.67 -31.30
N PHE D 118 -5.87 0.33 -30.01
CA PHE D 118 -5.10 1.07 -29.02
C PHE D 118 -3.78 0.34 -28.89
N ALA D 119 -3.88 -0.95 -28.55
CA ALA D 119 -2.70 -1.77 -28.40
C ALA D 119 -1.80 -1.58 -29.61
N CYS D 120 -2.40 -1.54 -30.79
CA CYS D 120 -1.65 -1.37 -32.01
C CYS D 120 -0.95 -0.01 -32.14
N ASN D 121 -0.91 0.75 -31.05
CA ASN D 121 -0.24 2.05 -31.09
C ASN D 121 1.00 2.11 -30.22
N LEU D 122 0.88 1.74 -28.95
CA LEU D 122 2.04 1.77 -28.08
C LEU D 122 2.97 0.64 -28.50
N ASN D 123 2.67 0.05 -29.65
CA ASN D 123 3.47 -1.04 -30.20
C ASN D 123 2.86 -1.53 -31.51
N PRO D 124 3.45 -1.10 -32.63
CA PRO D 124 2.93 -1.53 -33.94
C PRO D 124 3.32 -2.97 -34.29
N SER D 125 3.83 -3.71 -33.31
CA SER D 125 4.21 -5.11 -33.54
C SER D 125 3.08 -6.02 -33.06
N LEU D 126 1.94 -5.41 -32.79
CA LEU D 126 0.78 -6.14 -32.33
C LEU D 126 -0.29 -6.24 -33.41
N SER D 127 -0.23 -5.35 -34.40
CA SER D 127 -1.19 -5.38 -35.49
C SER D 127 -0.83 -6.53 -36.44
N THR D 128 -0.03 -7.46 -35.93
CA THR D 128 0.40 -8.64 -36.69
C THR D 128 0.03 -9.90 -35.90
N ALA D 129 -0.95 -9.75 -35.01
CA ALA D 129 -1.43 -10.85 -34.18
C ALA D 129 -2.78 -10.42 -33.62
N LEU D 130 -3.32 -9.35 -34.22
CA LEU D 130 -4.60 -8.81 -33.80
C LEU D 130 -5.45 -8.24 -34.94
N SER D 131 -6.44 -9.01 -35.34
CA SER D 131 -7.40 -8.61 -36.37
C SER D 131 -8.59 -8.17 -35.52
N GLU D 132 -9.27 -7.11 -35.93
CA GLU D 132 -10.41 -6.59 -35.16
C GLU D 132 -11.62 -7.53 -35.14
N SER D 133 -11.35 -8.81 -34.91
CA SER D 133 -12.35 -9.88 -34.83
C SER D 133 -11.84 -10.88 -33.80
N SER D 134 -10.85 -10.44 -33.04
CA SER D 134 -10.26 -11.26 -31.99
C SER D 134 -10.92 -10.90 -30.65
N ARG D 135 -11.21 -11.91 -29.84
CA ARG D 135 -11.85 -11.69 -28.55
C ARG D 135 -10.90 -10.96 -27.61
N PHE D 136 -11.45 -10.39 -26.55
CA PHE D 136 -10.65 -9.69 -25.56
C PHE D 136 -9.54 -10.63 -25.11
N VAL D 137 -9.98 -11.76 -24.56
CA VAL D 137 -9.10 -12.81 -24.03
C VAL D 137 -7.84 -13.02 -24.83
N GLU D 138 -7.90 -12.70 -26.12
CA GLU D 138 -6.74 -12.84 -26.99
C GLU D 138 -5.89 -11.61 -26.87
N LEU D 139 -6.45 -10.45 -27.18
CA LEU D 139 -5.72 -9.21 -27.10
C LEU D 139 -4.95 -9.13 -25.77
N VAL D 140 -5.43 -9.84 -24.76
CA VAL D 140 -4.74 -9.84 -23.47
C VAL D 140 -3.45 -10.60 -23.61
N LEU D 141 -3.55 -11.82 -24.12
CA LEU D 141 -2.37 -12.65 -24.32
C LEU D 141 -1.33 -12.02 -25.25
N ALA D 142 -1.79 -11.23 -26.22
CA ALA D 142 -0.88 -10.57 -27.16
C ALA D 142 -0.09 -9.49 -26.44
N LEU D 143 -0.76 -8.85 -25.48
CA LEU D 143 -0.12 -7.82 -24.68
C LEU D 143 0.86 -8.53 -23.76
N GLU D 144 0.50 -9.74 -23.34
CA GLU D 144 1.33 -10.55 -22.45
C GLU D 144 2.71 -10.89 -23.04
N ASN D 145 2.80 -10.94 -24.37
CA ASN D 145 4.05 -11.25 -25.04
C ASN D 145 4.99 -10.07 -25.13
N VAL D 146 4.42 -8.88 -25.33
CA VAL D 146 5.25 -7.69 -25.43
C VAL D 146 5.60 -7.22 -24.02
N GLY D 147 5.06 -7.91 -23.03
CA GLY D 147 5.31 -7.59 -21.63
C GLY D 147 4.54 -6.37 -21.14
N LEU D 148 3.28 -6.28 -21.55
CA LEU D 148 2.46 -5.15 -21.17
C LEU D 148 1.44 -5.52 -20.09
N VAL D 149 1.27 -6.81 -19.84
CA VAL D 149 0.36 -7.23 -18.79
C VAL D 149 0.97 -8.45 -18.15
N SER D 150 0.28 -8.99 -17.16
CA SER D 150 0.74 -10.17 -16.43
C SER D 150 0.01 -10.11 -15.12
N PRO D 151 0.15 -11.15 -14.30
CA PRO D 151 -0.56 -11.10 -13.02
C PRO D 151 0.06 -10.09 -12.05
N SER D 152 1.07 -9.34 -12.51
CA SER D 152 1.71 -8.38 -11.63
C SER D 152 1.75 -6.94 -12.15
N SER D 153 1.33 -6.72 -13.39
CA SER D 153 1.34 -5.38 -13.95
C SER D 153 0.14 -5.16 -14.85
N VAL D 154 -1.03 -5.00 -14.23
CA VAL D 154 -2.24 -4.77 -14.99
C VAL D 154 -2.45 -3.30 -15.30
N SER D 155 -1.65 -2.43 -14.68
CA SER D 155 -1.77 -0.99 -14.91
C SER D 155 -1.89 -0.63 -16.39
N VAL D 156 -0.87 -0.91 -17.18
CA VAL D 156 -0.89 -0.60 -18.62
C VAL D 156 -2.27 -0.73 -19.19
N LEU D 157 -2.94 -1.80 -18.74
CA LEU D 157 -4.30 -2.12 -19.17
C LEU D 157 -5.31 -1.25 -18.43
N ALA D 158 -5.18 -1.22 -17.11
CA ALA D 158 -6.07 -0.44 -16.26
C ALA D 158 -6.38 0.89 -16.89
N ASP D 159 -5.41 1.80 -16.88
CA ASP D 159 -5.61 3.12 -17.46
C ASP D 159 -5.73 3.09 -18.98
N MET D 160 -5.96 1.90 -19.52
CA MET D 160 -6.17 1.72 -20.95
C MET D 160 -7.69 1.65 -21.00
N LEU D 161 -8.26 1.14 -19.91
CA LEU D 161 -9.69 1.01 -19.72
C LEU D 161 -10.18 2.33 -19.17
N ARG D 162 -9.49 2.85 -18.17
CA ARG D 162 -9.89 4.12 -17.59
C ARG D 162 -9.97 5.12 -18.73
N THR D 163 -9.32 4.76 -19.83
CA THR D 163 -9.33 5.60 -21.02
C THR D 163 -10.72 5.48 -21.62
N LEU D 164 -11.17 4.25 -21.82
CA LEU D 164 -12.49 4.01 -22.39
C LEU D 164 -13.59 4.42 -21.41
N ARG D 165 -13.20 5.04 -20.31
CA ARG D 165 -14.15 5.52 -19.31
C ARG D 165 -14.94 4.48 -18.55
N ARG D 166 -14.41 3.28 -18.45
CA ARG D 166 -15.10 2.25 -17.71
C ARG D 166 -14.42 2.12 -16.37
N LEU D 167 -14.43 3.21 -15.62
CA LEU D 167 -13.79 3.22 -14.31
C LEU D 167 -14.03 1.87 -13.65
N ASP D 168 -15.26 1.38 -13.75
CA ASP D 168 -15.60 0.12 -13.12
C ASP D 168 -14.56 -0.94 -13.40
N LEU D 169 -14.31 -1.26 -14.67
CA LEU D 169 -13.29 -2.26 -14.97
C LEU D 169 -11.95 -1.78 -14.41
N CYS D 170 -11.66 -0.51 -14.65
CA CYS D 170 -10.42 0.10 -14.18
C CYS D 170 -10.22 -0.21 -12.70
N GLN D 171 -11.29 -0.06 -11.94
CA GLN D 171 -11.32 -0.32 -10.50
C GLN D 171 -11.26 -1.82 -10.23
N GLN D 172 -12.18 -2.55 -10.85
CA GLN D 172 -12.29 -4.00 -10.72
C GLN D 172 -10.99 -4.68 -11.08
N LEU D 173 -10.13 -3.95 -11.76
CA LEU D 173 -8.85 -4.48 -12.17
C LEU D 173 -7.73 -4.08 -11.19
N VAL D 174 -8.07 -3.27 -10.21
CA VAL D 174 -7.08 -2.85 -9.23
C VAL D 174 -7.55 -3.43 -7.92
N GLU D 175 -8.83 -3.81 -7.85
CA GLU D 175 -9.37 -4.42 -6.65
C GLU D 175 -8.67 -5.77 -6.60
N TYR D 176 -8.23 -6.23 -7.76
CA TYR D 176 -7.53 -7.49 -7.85
C TYR D 176 -6.12 -7.13 -7.43
N GLU D 177 -5.60 -6.11 -8.09
CA GLU D 177 -4.26 -5.61 -7.83
C GLU D 177 -3.99 -5.47 -6.32
N GLN D 178 -5.05 -5.41 -5.51
CA GLN D 178 -4.89 -5.31 -4.07
C GLN D 178 -4.73 -6.72 -3.54
N GLN D 179 -5.84 -7.46 -3.50
CA GLN D 179 -5.86 -8.83 -3.01
C GLN D 179 -4.60 -9.61 -3.34
N GLU D 180 -4.36 -9.81 -4.64
CA GLU D 180 -3.19 -10.55 -5.09
C GLU D 180 -1.94 -9.90 -4.47
N GLN D 181 -1.66 -8.67 -4.87
CA GLN D 181 -0.51 -7.92 -4.37
C GLN D 181 -0.45 -7.83 -2.84
N ALA D 182 -1.48 -8.33 -2.15
CA ALA D 182 -1.54 -8.30 -0.69
C ALA D 182 -1.12 -9.63 -0.12
N ARG D 183 -2.10 -10.50 0.15
CA ARG D 183 -1.85 -11.82 0.69
C ARG D 183 -0.50 -12.39 0.23
N TYR D 184 -0.40 -12.65 -1.07
CA TYR D 184 0.76 -13.20 -1.76
C TYR D 184 2.10 -12.51 -1.42
N ARG D 185 2.11 -11.74 -0.34
CA ARG D 185 3.31 -11.01 0.09
C ARG D 185 3.24 -10.74 1.60
N TYR D 186 2.03 -10.61 2.11
CA TYR D 186 1.80 -10.34 3.54
C TYR D 186 1.48 -11.63 4.26
N CYS D 187 0.96 -12.61 3.53
CA CYS D 187 0.63 -13.91 4.13
C CYS D 187 1.81 -14.87 3.94
N TYR D 188 2.28 -15.04 2.71
CA TYR D 188 3.45 -15.89 2.44
C TYR D 188 4.65 -15.09 2.96
N ALA D 189 4.39 -14.25 3.95
CA ALA D 189 5.38 -13.38 4.58
C ALA D 189 6.00 -13.98 5.84
N ALA D 190 5.46 -13.56 6.99
CA ALA D 190 5.95 -14.04 8.29
C ALA D 190 5.44 -15.42 8.70
N SER D 191 5.72 -16.44 7.88
CA SER D 191 5.31 -17.82 8.15
C SER D 191 5.66 -18.80 7.03
#